data_8ZP2
#
_entry.id   8ZP2
#
_cell.length_a   1.00
_cell.length_b   1.00
_cell.length_c   1.00
_cell.angle_alpha   90.00
_cell.angle_beta   90.00
_cell.angle_gamma   90.00
#
_symmetry.space_group_name_H-M   'P 1'
#
loop_
_entity.id
_entity.type
_entity.pdbx_description
1 polymer 'Sodium-dependent noradrenaline transporter'
2 polymer Nb_BB4
3 non-polymer (3R)-N-methyl-3-(2-methylphenoxy)-3-phenyl-propan-1-amine
4 non-polymer 'SODIUM ION'
5 non-polymer 'CHLORIDE ION'
6 non-polymer PHOSPHATIDYLETHANOLAMINE
7 water water
#
loop_
_entity_poly.entity_id
_entity_poly.type
_entity_poly.pdbx_seq_one_letter_code
_entity_poly.pdbx_strand_id
1 'polypeptide(L)'
;APRDGDAQPRETWGKKIDFLLSVVGFAVDLANVWRFPYLCYKNGGGAFLIPYTLFLIIAGMPLFYMELALGQYNREGAAT
VWKICPFFKGVGYAVILIALYVGFYYNVIIAWSLYYLFSSFTLNLPWTDCGHTWNSPNCTDPKLLNGSVLGNHTKYSKYK
FTPAAEFYERGVLHLHESSGIHDIGLPQWQLLLCLMVVVIVLYFSLWKGVKTSGKVVWITATLPYFVLFVLLVHGVTLPG
ASNGINAYLHIDFYRLKEATVWIDAATQIFFSLGAGFGVLIAFASYNKFDNNCYRDALLTSSINCITSFVSGFAIFSILG
YMAHEHKVNIEDVATEGAGLVFILYPEAISTLSGSTFWAVVFFVMLLALGLDSSMGGMEAVITGLADDFQVLKRHRKLFT
FGVTFSTFLLALFCITKGGIYVLTLLDTFAAGTSILFAVLMEAIGVSWFYGVDRFSNDIQQMMGFRPGLYWRLCWKFVSP
AFLLFVVVVSIINFKPLTYDDYIFPPWANWVGWGIALSSMVLVPIYVIYKFLSTQGSLWERLAYGITPENEHHLVAQRDI
RQFQLQHWLAI
;
A
2 'polypeptide(L)'
;EVQLVESGGGLVQAGGSLRLSCAASGFPVYQANMYWYRQAPGKEREWVAAIQSEGRTIYADSVKGRFTISRDNSKNTVYL
QMNSLKPEDTAVYYCNVKDAGWASYQYDYWGQGTQVTVSS
;
B
#
# COMPACT_ATOMS: atom_id res chain seq x y z
N GLN A 8 -21.44 -2.73 16.16
CA GLN A 8 -21.19 -3.09 14.73
C GLN A 8 -19.75 -3.55 14.52
N PRO A 9 -19.52 -4.86 14.47
CA PRO A 9 -18.14 -5.34 14.31
C PRO A 9 -17.59 -5.01 12.93
N ARG A 10 -16.26 -4.95 12.87
CA ARG A 10 -15.58 -4.75 11.60
C ARG A 10 -15.91 -5.90 10.65
N GLU A 11 -16.19 -5.57 9.41
CA GLU A 11 -16.48 -6.58 8.40
C GLU A 11 -15.19 -7.21 7.89
N THR A 12 -15.33 -8.37 7.29
CA THR A 12 -14.23 -9.11 6.69
C THR A 12 -14.43 -9.15 5.17
N TRP A 13 -13.33 -9.28 4.43
CA TRP A 13 -13.43 -9.40 2.98
C TRP A 13 -14.38 -10.54 2.62
N GLY A 14 -15.21 -10.30 1.60
CA GLY A 14 -16.11 -11.33 1.13
C GLY A 14 -15.37 -12.57 0.68
N LYS A 15 -14.20 -12.40 0.07
CA LYS A 15 -13.36 -13.51 -0.34
C LYS A 15 -11.91 -13.14 -0.12
N LYS A 16 -11.05 -14.15 -0.12
CA LYS A 16 -9.61 -13.90 -0.09
C LYS A 16 -9.16 -13.23 -1.38
N ILE A 17 -9.77 -13.60 -2.50
CA ILE A 17 -9.39 -13.02 -3.78
C ILE A 17 -9.67 -11.52 -3.79
N ASP A 18 -10.73 -11.10 -3.10
CA ASP A 18 -10.99 -9.67 -2.97
C ASP A 18 -9.80 -8.95 -2.37
N PHE A 19 -9.29 -9.47 -1.24
CA PHE A 19 -8.13 -8.86 -0.59
C PHE A 19 -6.90 -8.90 -1.48
N LEU A 20 -6.65 -10.06 -2.10
CA LEU A 20 -5.45 -10.19 -2.93
C LEU A 20 -5.49 -9.23 -4.11
N LEU A 21 -6.65 -9.11 -4.76
CA LEU A 21 -6.77 -8.24 -5.91
C LEU A 21 -6.73 -6.77 -5.50
N SER A 22 -7.26 -6.43 -4.32
CA SER A 22 -7.09 -5.06 -3.83
C SER A 22 -5.61 -4.73 -3.63
N VAL A 23 -4.87 -5.63 -2.99
CA VAL A 23 -3.45 -5.38 -2.76
C VAL A 23 -2.71 -5.29 -4.07
N VAL A 24 -2.99 -6.19 -5.01
CA VAL A 24 -2.30 -6.18 -6.30
C VAL A 24 -2.63 -4.92 -7.08
N GLY A 25 -3.91 -4.56 -7.14
CA GLY A 25 -4.32 -3.37 -7.85
C GLY A 25 -3.72 -2.10 -7.28
N PHE A 26 -3.59 -2.02 -5.95
CA PHE A 26 -2.92 -0.88 -5.36
C PHE A 26 -1.44 -0.88 -5.72
N ALA A 27 -0.77 -2.03 -5.57
CA ALA A 27 0.66 -2.09 -5.82
C ALA A 27 0.98 -1.82 -7.28
N VAL A 28 0.24 -2.41 -8.20
CA VAL A 28 0.51 -2.29 -9.62
C VAL A 28 -0.22 -1.08 -10.16
N ASP A 29 0.52 -0.17 -10.80
CA ASP A 29 -0.06 1.05 -11.32
C ASP A 29 0.84 1.58 -12.43
N LEU A 30 0.65 2.86 -12.79
CA LEU A 30 1.40 3.44 -13.90
C LEU A 30 2.90 3.43 -13.64
N ALA A 31 3.32 3.42 -12.37
CA ALA A 31 4.75 3.35 -12.09
C ALA A 31 5.36 2.09 -12.68
N ASN A 32 4.77 0.94 -12.38
CA ASN A 32 5.25 -0.34 -12.90
C ASN A 32 5.55 -0.25 -14.39
N VAL A 33 4.77 0.55 -15.12
CA VAL A 33 4.82 0.51 -16.57
C VAL A 33 5.73 1.61 -17.11
N TRP A 34 5.58 2.84 -16.62
CA TRP A 34 6.25 3.99 -17.21
C TRP A 34 7.51 4.40 -16.47
N ARG A 35 7.90 3.71 -15.40
CA ARG A 35 9.12 4.07 -14.69
C ARG A 35 10.10 2.90 -14.70
N PHE A 36 9.61 1.71 -14.32
CA PHE A 36 10.51 0.58 -14.12
C PHE A 36 11.25 0.21 -15.39
N PRO A 37 10.57 0.06 -16.54
CA PRO A 37 11.30 -0.31 -17.75
C PRO A 37 12.36 0.70 -18.17
N TYR A 38 12.09 1.99 -17.99
CA TYR A 38 13.10 3.00 -18.28
C TYR A 38 14.29 2.87 -17.33
N LEU A 39 14.02 2.61 -16.05
CA LEU A 39 15.11 2.41 -15.10
C LEU A 39 15.96 1.21 -15.48
N CYS A 40 15.30 0.11 -15.87
CA CYS A 40 16.03 -1.07 -16.33
C CYS A 40 16.91 -0.72 -17.53
N TYR A 41 16.34 -0.02 -18.50
CA TYR A 41 17.07 0.30 -19.73
C TYR A 41 18.28 1.20 -19.43
N LYS A 42 18.10 2.18 -18.56
CA LYS A 42 19.17 3.15 -18.31
C LYS A 42 20.08 2.75 -17.16
N ASN A 43 19.80 1.64 -16.49
CA ASN A 43 20.63 1.21 -15.37
C ASN A 43 21.19 -0.19 -15.59
N GLY A 44 21.58 -0.50 -16.82
CA GLY A 44 22.22 -1.76 -17.12
C GLY A 44 21.31 -2.88 -17.57
N GLY A 45 20.04 -2.60 -17.83
CA GLY A 45 19.15 -3.63 -18.34
C GLY A 45 18.96 -4.75 -17.35
N GLY A 46 19.29 -5.98 -17.76
CA GLY A 46 19.16 -7.11 -16.87
C GLY A 46 19.98 -6.96 -15.61
N ALA A 47 21.06 -6.20 -15.68
CA ALA A 47 21.85 -5.94 -14.48
C ALA A 47 21.06 -5.16 -13.44
N PHE A 48 20.16 -4.28 -13.89
CA PHE A 48 19.34 -3.52 -12.95
C PHE A 48 18.46 -4.44 -12.11
N LEU A 49 18.11 -5.61 -12.64
CA LEU A 49 17.27 -6.53 -11.88
C LEU A 49 17.98 -7.02 -10.62
N ILE A 50 19.31 -6.99 -10.61
CA ILE A 50 20.05 -7.42 -9.42
C ILE A 50 19.79 -6.50 -8.24
N PRO A 51 20.11 -5.20 -8.30
CA PRO A 51 19.77 -4.33 -7.16
C PRO A 51 18.29 -4.32 -6.87
N TYR A 52 17.46 -4.34 -7.92
CA TYR A 52 16.01 -4.24 -7.74
C TYR A 52 15.46 -5.47 -7.02
N THR A 53 15.85 -6.66 -7.47
CA THR A 53 15.41 -7.89 -6.81
C THR A 53 16.00 -8.00 -5.41
N LEU A 54 17.26 -7.61 -5.25
CA LEU A 54 17.87 -7.60 -3.92
C LEU A 54 17.07 -6.76 -2.96
N PHE A 55 16.78 -5.51 -3.34
CA PHE A 55 16.02 -4.63 -2.47
C PHE A 55 14.61 -5.15 -2.24
N LEU A 56 13.95 -5.67 -3.28
CA LEU A 56 12.69 -6.36 -3.04
C LEU A 56 12.84 -7.32 -1.87
N ILE A 57 13.72 -8.31 -2.03
CA ILE A 57 13.82 -9.41 -1.07
C ILE A 57 14.13 -8.88 0.33
N ILE A 58 15.05 -7.93 0.47
CA ILE A 58 15.55 -7.59 1.79
C ILE A 58 14.84 -6.41 2.45
N ALA A 59 14.10 -5.60 1.69
CA ALA A 59 13.41 -4.46 2.27
C ALA A 59 11.91 -4.49 1.98
N GLY A 60 11.53 -4.72 0.72
CA GLY A 60 10.16 -4.49 0.33
C GLY A 60 9.24 -5.63 0.74
N MET A 61 9.66 -6.87 0.49
CA MET A 61 8.92 -8.02 0.96
C MET A 61 8.82 -7.99 2.47
N PRO A 62 9.92 -7.72 3.19
CA PRO A 62 9.80 -7.55 4.65
C PRO A 62 8.81 -6.47 5.06
N LEU A 63 8.81 -5.31 4.40
CA LEU A 63 7.87 -4.26 4.77
C LEU A 63 6.45 -4.61 4.40
N PHE A 64 6.26 -5.20 3.21
CA PHE A 64 4.95 -5.73 2.83
C PHE A 64 4.41 -6.67 3.90
N TYR A 65 5.24 -7.64 4.29
CA TYR A 65 4.86 -8.64 5.28
C TYR A 65 4.54 -7.98 6.62
N MET A 66 5.38 -7.04 7.04
CA MET A 66 5.17 -6.38 8.33
C MET A 66 3.85 -5.62 8.34
N GLU A 67 3.60 -4.83 7.29
CA GLU A 67 2.37 -4.03 7.28
C GLU A 67 1.14 -4.92 7.20
N LEU A 68 1.19 -5.99 6.39
CA LEU A 68 0.05 -6.88 6.30
C LEU A 68 -0.22 -7.56 7.63
N ALA A 69 0.82 -8.07 8.29
CA ALA A 69 0.63 -8.73 9.57
C ALA A 69 0.15 -7.75 10.63
N LEU A 70 0.66 -6.53 10.63
CA LEU A 70 0.22 -5.53 11.59
C LEU A 70 -1.27 -5.22 11.41
N GLY A 71 -1.69 -4.98 10.17
CA GLY A 71 -3.09 -4.71 9.92
C GLY A 71 -3.98 -5.88 10.28
N GLN A 72 -3.58 -7.10 9.90
CA GLN A 72 -4.40 -8.27 10.19
C GLN A 72 -4.51 -8.51 11.70
N TYR A 73 -3.39 -8.38 12.43
CA TYR A 73 -3.41 -8.67 13.86
C TYR A 73 -4.21 -7.62 14.61
N ASN A 74 -3.94 -6.34 14.35
CA ASN A 74 -4.57 -5.28 15.12
C ASN A 74 -5.92 -4.85 14.56
N ARG A 75 -6.18 -5.14 13.29
CA ARG A 75 -7.43 -4.74 12.63
C ARG A 75 -7.71 -3.26 12.86
N GLU A 76 -6.67 -2.44 12.65
CA GLU A 76 -6.77 -1.00 12.76
C GLU A 76 -6.20 -0.38 11.49
N GLY A 77 -6.49 0.90 11.31
CA GLY A 77 -5.89 1.68 10.24
C GLY A 77 -4.50 2.15 10.60
N ALA A 78 -3.95 2.99 9.74
CA ALA A 78 -2.57 3.45 9.95
C ALA A 78 -2.44 4.25 11.23
N ALA A 79 -3.47 5.03 11.59
CA ALA A 79 -3.37 5.86 12.78
C ALA A 79 -3.57 5.06 14.06
N THR A 80 -4.70 4.35 14.17
CA THR A 80 -5.07 3.69 15.41
C THR A 80 -4.33 2.39 15.65
N VAL A 81 -3.57 1.89 14.67
CA VAL A 81 -2.71 0.74 14.91
C VAL A 81 -1.67 1.03 15.99
N TRP A 82 -1.40 2.30 16.28
CA TRP A 82 -0.40 2.70 17.25
C TRP A 82 -0.92 2.68 18.67
N LYS A 83 -2.03 1.97 18.92
CA LYS A 83 -2.35 1.56 20.28
C LYS A 83 -1.23 0.71 20.84
N ILE A 84 -0.46 0.06 19.97
CA ILE A 84 0.68 -0.74 20.41
C ILE A 84 1.82 0.16 20.90
N CYS A 85 1.98 1.32 20.26
CA CYS A 85 3.01 2.29 20.66
C CYS A 85 2.42 3.68 20.53
N PRO A 86 1.80 4.19 21.60
CA PRO A 86 1.03 5.45 21.47
C PRO A 86 1.83 6.63 20.95
N PHE A 87 3.12 6.72 21.25
CA PHE A 87 3.91 7.88 20.82
C PHE A 87 3.98 7.97 19.30
N PHE A 88 3.77 6.86 18.59
CA PHE A 88 3.97 6.81 17.15
C PHE A 88 2.70 7.05 16.35
N LYS A 89 1.61 7.47 16.98
CA LYS A 89 0.38 7.72 16.23
C LYS A 89 0.52 8.90 15.27
N GLY A 90 1.43 9.83 15.56
CA GLY A 90 1.74 10.86 14.60
C GLY A 90 2.26 10.33 13.28
N VAL A 91 2.92 9.17 13.31
CA VAL A 91 3.35 8.53 12.07
C VAL A 91 2.16 8.11 11.23
N GLY A 92 1.15 7.50 11.85
CA GLY A 92 -0.05 7.14 11.12
C GLY A 92 -0.80 8.36 10.61
N TYR A 93 -0.88 9.41 11.42
CA TYR A 93 -1.49 10.65 10.93
C TYR A 93 -0.72 11.19 9.75
N ALA A 94 0.60 11.14 9.79
CA ALA A 94 1.42 11.61 8.68
C ALA A 94 1.17 10.79 7.42
N VAL A 95 1.08 9.47 7.53
CA VAL A 95 0.85 8.67 6.33
C VAL A 95 -0.55 8.92 5.78
N ILE A 96 -1.54 9.14 6.64
CA ILE A 96 -2.88 9.48 6.15
C ILE A 96 -2.85 10.80 5.40
N LEU A 97 -2.18 11.82 5.97
CA LEU A 97 -2.06 13.10 5.29
C LEU A 97 -1.34 12.94 3.97
N ILE A 98 -0.30 12.12 3.93
CA ILE A 98 0.46 11.90 2.70
C ILE A 98 -0.40 11.23 1.65
N ALA A 99 -1.23 10.27 2.07
CA ALA A 99 -2.14 9.61 1.12
C ALA A 99 -3.13 10.60 0.53
N LEU A 100 -3.69 11.47 1.36
CA LEU A 100 -4.58 12.51 0.85
C LEU A 100 -3.85 13.42 -0.13
N TYR A 101 -2.64 13.86 0.24
CA TYR A 101 -1.84 14.68 -0.65
C TYR A 101 -1.61 13.99 -1.99
N VAL A 102 -1.23 12.71 -1.95
CA VAL A 102 -0.97 11.98 -3.19
C VAL A 102 -2.22 11.94 -4.04
N GLY A 103 -3.36 11.63 -3.43
CA GLY A 103 -4.61 11.61 -4.18
C GLY A 103 -4.92 12.94 -4.83
N PHE A 104 -4.43 14.04 -4.25
CA PHE A 104 -4.71 15.35 -4.84
C PHE A 104 -4.20 15.45 -6.29
N TYR A 105 -3.15 14.70 -6.63
CA TYR A 105 -2.59 14.79 -7.99
C TYR A 105 -2.62 13.47 -8.76
N TYR A 106 -2.72 12.34 -8.07
CA TYR A 106 -2.77 11.05 -8.77
C TYR A 106 -4.05 10.94 -9.60
N ASN A 107 -5.15 11.46 -9.08
CA ASN A 107 -6.42 11.40 -9.79
C ASN A 107 -6.40 12.29 -11.02
N VAL A 108 -5.50 13.28 -11.06
CA VAL A 108 -5.37 14.10 -12.26
C VAL A 108 -4.71 13.31 -13.39
N ILE A 109 -3.75 12.45 -13.05
CA ILE A 109 -3.19 11.55 -14.05
C ILE A 109 -4.24 10.56 -14.52
N ILE A 110 -5.05 10.04 -13.59
CA ILE A 110 -6.16 9.18 -14.01
C ILE A 110 -7.11 9.94 -14.92
N ALA A 111 -7.32 11.22 -14.65
CA ALA A 111 -8.20 12.04 -15.49
C ALA A 111 -7.60 12.27 -16.87
N TRP A 112 -6.27 12.39 -16.94
CA TRP A 112 -5.61 12.43 -18.25
C TRP A 112 -5.86 11.15 -19.02
N SER A 113 -5.76 10.00 -18.34
CA SER A 113 -6.04 8.73 -19.01
C SER A 113 -7.48 8.69 -19.51
N LEU A 114 -8.42 9.17 -18.70
CA LEU A 114 -9.82 9.19 -19.11
C LEU A 114 -10.03 10.14 -20.30
N TYR A 115 -9.36 11.29 -20.28
CA TYR A 115 -9.43 12.21 -21.41
C TYR A 115 -8.94 11.55 -22.69
N TYR A 116 -7.80 10.85 -22.60
CA TYR A 116 -7.26 10.19 -23.79
C TYR A 116 -8.17 9.07 -24.26
N LEU A 117 -8.79 8.35 -23.31
CA LEU A 117 -9.75 7.31 -23.70
C LEU A 117 -10.93 7.91 -24.44
N PHE A 118 -11.48 9.02 -23.94
CA PHE A 118 -12.56 9.69 -24.64
C PHE A 118 -12.11 10.14 -26.02
N SER A 119 -10.88 10.66 -26.12
CA SER A 119 -10.34 11.09 -27.40
C SER A 119 -10.14 9.91 -28.34
N SER A 120 -10.03 8.69 -27.80
CA SER A 120 -9.78 7.52 -28.63
C SER A 120 -11.01 6.98 -29.33
N PHE A 121 -12.20 7.50 -29.02
CA PHE A 121 -13.44 7.01 -29.62
C PHE A 121 -13.67 7.70 -30.97
N THR A 122 -12.68 7.56 -31.85
CA THR A 122 -12.76 8.10 -33.20
C THR A 122 -11.89 7.25 -34.10
N LEU A 123 -12.21 7.30 -35.39
CA LEU A 123 -11.35 6.65 -36.39
C LEU A 123 -10.14 7.50 -36.76
N ASN A 124 -10.15 8.78 -36.39
CA ASN A 124 -9.03 9.69 -36.61
C ASN A 124 -8.62 10.25 -35.25
N LEU A 125 -7.62 9.64 -34.63
CA LEU A 125 -7.21 10.06 -33.31
C LEU A 125 -6.66 11.48 -33.37
N PRO A 126 -6.99 12.32 -32.38
CA PRO A 126 -6.58 13.73 -32.44
C PRO A 126 -5.08 13.94 -32.43
N TRP A 127 -4.31 12.98 -31.92
CA TRP A 127 -2.86 13.11 -31.85
C TRP A 127 -2.15 12.56 -33.08
N THR A 128 -2.89 12.09 -34.08
CA THR A 128 -2.26 11.53 -35.27
C THR A 128 -1.70 12.62 -36.18
N ASP A 129 -2.44 13.71 -36.36
CA ASP A 129 -2.11 14.73 -37.35
C ASP A 129 -2.15 16.11 -36.73
N CYS A 130 -1.67 17.08 -37.48
CA CYS A 130 -1.74 18.50 -37.14
C CYS A 130 -3.02 19.08 -37.73
N GLY A 131 -3.14 20.40 -37.73
CA GLY A 131 -4.31 21.06 -38.28
C GLY A 131 -5.47 21.17 -37.33
N HIS A 132 -5.23 21.05 -36.03
CA HIS A 132 -6.26 21.17 -35.01
C HIS A 132 -6.21 22.55 -34.38
N THR A 133 -7.12 22.80 -33.45
CA THR A 133 -7.16 24.08 -32.76
C THR A 133 -6.01 24.22 -31.77
N TRP A 134 -5.55 23.13 -31.18
CA TRP A 134 -4.46 23.15 -30.22
C TRP A 134 -3.09 23.13 -30.86
N ASN A 135 -3.00 22.82 -32.15
CA ASN A 135 -1.71 22.70 -32.82
C ASN A 135 -1.10 24.07 -33.05
N SER A 136 0.21 24.17 -32.83
CA SER A 136 0.95 25.37 -33.15
C SER A 136 1.33 25.37 -34.63
N PRO A 137 1.69 26.53 -35.18
CA PRO A 137 2.11 26.56 -36.59
C PRO A 137 3.37 25.74 -36.86
N ASN A 138 4.15 25.42 -35.83
CA ASN A 138 5.39 24.67 -36.00
C ASN A 138 5.20 23.16 -35.94
N CYS A 139 3.97 22.68 -35.81
CA CYS A 139 3.74 21.24 -35.72
C CYS A 139 4.20 20.57 -37.00
N THR A 140 4.95 19.48 -36.85
CA THR A 140 5.54 18.76 -37.98
C THR A 140 5.04 17.33 -38.00
N ASP A 141 4.70 16.85 -39.19
CA ASP A 141 4.25 15.47 -39.34
C ASP A 141 5.37 14.54 -38.88
N PRO A 142 5.11 13.61 -37.96
CA PRO A 142 6.20 12.81 -37.39
C PRO A 142 6.90 11.93 -38.41
N LYS A 143 6.26 11.63 -39.55
CA LYS A 143 6.92 10.83 -40.57
C LYS A 143 8.16 11.53 -41.11
N LEU A 144 8.09 12.85 -41.24
CA LEU A 144 9.23 13.61 -41.76
C LEU A 144 10.38 13.63 -40.76
N LEU A 145 10.09 13.51 -39.47
CA LEU A 145 11.13 13.56 -38.44
C LEU A 145 11.88 12.24 -38.37
N LYS A 155 16.34 12.72 -27.45
CA LYS A 155 16.20 13.86 -28.33
C LYS A 155 14.79 13.94 -28.90
N TYR A 156 14.38 12.90 -29.63
CA TYR A 156 13.05 12.91 -30.23
C TYR A 156 11.96 12.89 -29.17
N SER A 157 12.20 12.20 -28.05
CA SER A 157 11.17 12.07 -27.03
C SER A 157 10.82 13.44 -26.44
N LYS A 158 11.65 14.44 -26.66
CA LYS A 158 11.43 15.79 -26.15
C LYS A 158 11.35 16.83 -27.26
N TYR A 159 10.95 16.42 -28.48
CA TYR A 159 10.95 17.35 -29.59
C TYR A 159 9.87 18.42 -29.42
N LYS A 160 8.70 18.04 -28.91
CA LYS A 160 7.62 18.91 -28.45
C LYS A 160 6.80 19.49 -29.59
N PHE A 161 7.17 19.29 -30.85
CA PHE A 161 6.41 19.83 -31.97
C PHE A 161 5.76 18.74 -32.80
N THR A 162 5.68 17.51 -32.28
CA THR A 162 4.95 16.46 -32.94
C THR A 162 3.47 16.59 -32.66
N PRO A 163 2.62 15.97 -33.49
CA PRO A 163 1.18 15.99 -33.19
C PRO A 163 0.84 15.40 -31.84
N ALA A 164 1.56 14.36 -31.39
CA ALA A 164 1.27 13.75 -30.11
C ALA A 164 1.68 14.64 -28.95
N ALA A 165 2.91 15.18 -28.99
CA ALA A 165 3.36 16.09 -27.95
C ALA A 165 2.52 17.35 -27.92
N GLU A 166 2.23 17.91 -29.10
CA GLU A 166 1.38 19.08 -29.16
C GLU A 166 -0.01 18.78 -28.64
N PHE A 167 -0.59 17.64 -29.02
CA PHE A 167 -1.90 17.30 -28.49
C PHE A 167 -1.86 17.24 -26.98
N TYR A 168 -0.94 16.47 -26.41
CA TYR A 168 -0.84 16.40 -24.96
C TYR A 168 -0.79 17.81 -24.36
N GLU A 169 0.28 18.55 -24.67
CA GLU A 169 0.58 19.77 -23.92
C GLU A 169 -0.34 20.93 -24.25
N ARG A 170 -1.02 20.93 -25.40
CA ARG A 170 -1.79 22.08 -25.83
C ARG A 170 -3.28 21.81 -25.97
N GLY A 171 -3.72 20.55 -25.92
CA GLY A 171 -5.11 20.22 -26.06
C GLY A 171 -5.57 19.31 -24.93
N VAL A 172 -4.65 18.83 -24.11
CA VAL A 172 -4.99 18.16 -22.86
C VAL A 172 -4.60 19.02 -21.66
N LEU A 173 -3.32 19.40 -21.57
CA LEU A 173 -2.88 20.24 -20.47
C LEU A 173 -3.13 21.72 -20.74
N HIS A 174 -3.19 22.12 -22.01
CA HIS A 174 -3.19 23.54 -22.37
C HIS A 174 -2.06 24.27 -21.65
N LEU A 175 -0.90 23.61 -21.57
CA LEU A 175 0.24 24.16 -20.85
C LEU A 175 0.81 25.40 -21.53
N HIS A 176 0.57 25.57 -22.83
CA HIS A 176 1.05 26.76 -23.53
C HIS A 176 0.39 28.02 -23.01
N GLU A 177 -0.72 27.91 -22.31
CA GLU A 177 -1.46 29.06 -21.80
C GLU A 177 -1.03 29.46 -20.40
N SER A 178 -0.02 28.79 -19.83
CA SER A 178 0.48 29.08 -18.50
C SER A 178 1.97 29.39 -18.58
N SER A 179 2.37 30.52 -18.00
CA SER A 179 3.79 30.87 -17.95
C SER A 179 4.53 30.07 -16.90
N GLY A 180 3.87 29.78 -15.78
CA GLY A 180 4.53 29.05 -14.71
C GLY A 180 3.56 28.79 -13.57
N ILE A 181 4.10 28.33 -12.45
CA ILE A 181 3.26 28.05 -11.29
C ILE A 181 2.66 29.33 -10.74
N HIS A 182 3.19 30.49 -11.13
CA HIS A 182 2.60 31.76 -10.73
C HIS A 182 1.39 32.13 -11.58
N ASP A 183 1.17 31.46 -12.70
CA ASP A 183 0.11 31.80 -13.65
C ASP A 183 -0.62 30.52 -14.07
N ILE A 184 -1.02 29.72 -13.08
CA ILE A 184 -1.62 28.43 -13.37
C ILE A 184 -2.93 28.59 -14.12
N GLY A 185 -3.64 29.70 -13.91
CA GLY A 185 -4.90 29.91 -14.60
C GLY A 185 -6.06 29.19 -13.95
N LEU A 186 -7.12 29.01 -14.73
CA LEU A 186 -8.36 28.40 -14.26
C LEU A 186 -8.43 26.94 -14.68
N PRO A 187 -9.19 26.11 -13.96
CA PRO A 187 -9.36 24.73 -14.37
C PRO A 187 -10.01 24.63 -15.74
N GLN A 188 -9.59 23.63 -16.50
CA GLN A 188 -10.09 23.39 -17.85
C GLN A 188 -11.29 22.45 -17.78
N TRP A 189 -12.39 22.85 -18.42
CA TRP A 189 -13.65 22.17 -18.17
C TRP A 189 -13.61 20.71 -18.61
N GLN A 190 -12.88 20.39 -19.68
CA GLN A 190 -12.81 19.00 -20.12
C GLN A 190 -12.10 18.12 -19.08
N LEU A 191 -10.93 18.56 -18.64
CA LEU A 191 -10.23 17.83 -17.59
C LEU A 191 -11.02 17.86 -16.29
N LEU A 192 -11.79 18.93 -16.07
CA LEU A 192 -12.66 19.00 -14.90
C LEU A 192 -13.72 17.91 -14.94
N LEU A 193 -14.34 17.70 -16.11
CA LEU A 193 -15.35 16.65 -16.24
C LEU A 193 -14.71 15.27 -16.11
N CYS A 194 -13.52 15.08 -16.67
CA CYS A 194 -12.83 13.80 -16.51
C CYS A 194 -12.51 13.54 -15.04
N LEU A 195 -12.07 14.57 -14.32
CA LEU A 195 -11.81 14.43 -12.89
C LEU A 195 -13.09 14.13 -12.12
N MET A 196 -14.21 14.77 -12.51
CA MET A 196 -15.49 14.47 -11.88
C MET A 196 -15.87 13.02 -12.07
N VAL A 197 -15.67 12.50 -13.29
CA VAL A 197 -15.97 11.09 -13.53
C VAL A 197 -15.08 10.21 -12.68
N VAL A 198 -13.79 10.55 -12.60
CA VAL A 198 -12.85 9.75 -11.81
C VAL A 198 -13.28 9.71 -10.34
N VAL A 199 -13.65 10.87 -9.79
CA VAL A 199 -13.98 10.93 -8.37
C VAL A 199 -15.32 10.28 -8.10
N ILE A 200 -16.26 10.36 -9.04
CA ILE A 200 -17.54 9.67 -8.88
C ILE A 200 -17.32 8.16 -8.87
N VAL A 201 -16.49 7.66 -9.78
CA VAL A 201 -16.16 6.25 -9.82
C VAL A 201 -15.51 5.82 -8.51
N LEU A 202 -14.56 6.63 -8.01
CA LEU A 202 -13.90 6.31 -6.76
C LEU A 202 -14.88 6.29 -5.60
N TYR A 203 -15.78 7.27 -5.54
CA TYR A 203 -16.76 7.31 -4.45
C TYR A 203 -17.62 6.07 -4.45
N PHE A 204 -18.20 5.72 -5.60
CA PHE A 204 -19.09 4.56 -5.63
C PHE A 204 -18.32 3.25 -5.56
N SER A 205 -17.00 3.28 -5.73
CA SER A 205 -16.18 2.12 -5.41
C SER A 205 -15.96 2.01 -3.91
N LEU A 206 -15.89 3.14 -3.21
CA LEU A 206 -15.44 3.15 -1.82
C LEU A 206 -16.54 3.42 -0.81
N TRP A 207 -17.69 3.96 -1.22
CA TRP A 207 -18.68 4.42 -0.26
C TRP A 207 -19.28 3.30 0.57
N LYS A 208 -19.18 2.04 0.11
CA LYS A 208 -19.73 0.90 0.83
C LYS A 208 -18.62 0.00 1.38
N GLY A 209 -17.38 0.48 1.38
CA GLY A 209 -16.29 -0.29 1.96
C GLY A 209 -15.84 -1.46 1.11
N VAL A 210 -15.20 -2.41 1.79
CA VAL A 210 -14.59 -3.53 1.10
C VAL A 210 -15.61 -4.41 0.40
N LYS A 211 -16.84 -4.50 0.91
CA LYS A 211 -17.83 -5.40 0.32
C LYS A 211 -18.00 -5.11 -1.17
N THR A 212 -17.85 -3.85 -1.58
CA THR A 212 -17.92 -3.48 -2.99
C THR A 212 -16.56 -3.17 -3.61
N SER A 213 -15.61 -2.64 -2.83
CA SER A 213 -14.30 -2.34 -3.40
C SER A 213 -13.59 -3.63 -3.81
N GLY A 214 -13.74 -4.70 -3.02
CA GLY A 214 -13.10 -5.95 -3.34
C GLY A 214 -13.66 -6.57 -4.61
N LYS A 215 -14.90 -6.25 -4.96
CA LYS A 215 -15.46 -6.71 -6.22
C LYS A 215 -15.08 -5.79 -7.38
N VAL A 216 -14.89 -4.51 -7.11
CA VAL A 216 -14.43 -3.60 -8.17
C VAL A 216 -13.01 -3.95 -8.59
N VAL A 217 -12.16 -4.34 -7.64
CA VAL A 217 -10.79 -4.70 -7.98
C VAL A 217 -10.70 -5.96 -8.82
N TRP A 218 -11.77 -6.76 -8.88
CA TRP A 218 -11.80 -7.88 -9.82
C TRP A 218 -11.62 -7.40 -11.25
N ILE A 219 -12.21 -6.25 -11.58
CA ILE A 219 -12.08 -5.66 -12.90
C ILE A 219 -10.82 -4.82 -12.97
N THR A 220 -10.66 -3.89 -12.03
CA THR A 220 -9.58 -2.91 -12.17
C THR A 220 -8.21 -3.56 -12.08
N ALA A 221 -8.08 -4.60 -11.26
CA ALA A 221 -6.77 -5.22 -11.04
C ALA A 221 -6.42 -6.27 -12.09
N THR A 222 -7.40 -6.81 -12.81
CA THR A 222 -7.15 -7.87 -13.78
C THR A 222 -7.15 -7.39 -15.22
N LEU A 223 -8.01 -6.42 -15.56
CA LEU A 223 -8.03 -5.90 -16.92
C LEU A 223 -6.65 -5.45 -17.41
N PRO A 224 -5.83 -4.78 -16.60
CA PRO A 224 -4.49 -4.39 -17.09
C PRO A 224 -3.69 -5.57 -17.61
N TYR A 225 -3.86 -6.76 -17.03
CA TYR A 225 -3.08 -7.90 -17.47
C TYR A 225 -3.54 -8.42 -18.82
N PHE A 226 -4.86 -8.43 -19.09
CA PHE A 226 -5.32 -8.79 -20.42
C PHE A 226 -4.83 -7.79 -21.46
N VAL A 227 -4.89 -6.49 -21.14
CA VAL A 227 -4.39 -5.51 -22.09
C VAL A 227 -2.89 -5.67 -22.29
N LEU A 228 -2.15 -5.92 -21.22
CA LEU A 228 -0.71 -6.14 -21.33
C LEU A 228 -0.41 -7.37 -22.18
N PHE A 229 -1.19 -8.43 -22.04
CA PHE A 229 -0.97 -9.62 -22.84
C PHE A 229 -1.17 -9.32 -24.32
N VAL A 230 -2.28 -8.67 -24.67
CA VAL A 230 -2.50 -8.38 -26.09
C VAL A 230 -1.43 -7.42 -26.60
N LEU A 231 -1.03 -6.45 -25.77
CA LEU A 231 -0.01 -5.50 -26.18
C LEU A 231 1.33 -6.18 -26.42
N LEU A 232 1.70 -7.12 -25.55
CA LEU A 232 2.91 -7.90 -25.76
C LEU A 232 2.84 -8.70 -27.04
N VAL A 233 1.73 -9.42 -27.24
CA VAL A 233 1.62 -10.30 -28.40
C VAL A 233 1.74 -9.49 -29.69
N HIS A 234 1.12 -8.30 -29.71
CA HIS A 234 1.20 -7.47 -30.91
C HIS A 234 2.58 -6.83 -31.04
N GLY A 235 3.13 -6.33 -29.93
CA GLY A 235 4.38 -5.58 -30.01
C GLY A 235 5.56 -6.44 -30.43
N VAL A 236 5.64 -7.67 -29.93
CA VAL A 236 6.76 -8.53 -30.30
C VAL A 236 6.80 -8.74 -31.80
N THR A 237 5.64 -8.60 -32.46
CA THR A 237 5.58 -8.77 -33.91
C THR A 237 5.91 -7.50 -34.67
N LEU A 238 6.02 -6.36 -33.98
CA LEU A 238 6.25 -5.10 -34.65
C LEU A 238 7.68 -5.04 -35.20
N PRO A 239 7.89 -4.33 -36.32
CA PRO A 239 9.26 -4.19 -36.84
C PRO A 239 10.12 -3.38 -35.89
N GLY A 240 11.29 -3.90 -35.57
CA GLY A 240 12.20 -3.26 -34.65
C GLY A 240 11.90 -3.49 -33.19
N ALA A 241 10.85 -4.24 -32.87
CA ALA A 241 10.53 -4.51 -31.47
C ALA A 241 11.64 -5.31 -30.81
N SER A 242 12.28 -6.21 -31.55
CA SER A 242 13.37 -7.00 -30.99
C SER A 242 14.55 -6.11 -30.57
N ASN A 243 14.86 -5.08 -31.37
CA ASN A 243 15.92 -4.17 -30.98
C ASN A 243 15.58 -3.43 -29.69
N GLY A 244 14.32 -3.00 -29.55
CA GLY A 244 13.91 -2.36 -28.32
C GLY A 244 13.99 -3.29 -27.13
N ILE A 245 13.61 -4.56 -27.31
CA ILE A 245 13.68 -5.52 -26.22
C ILE A 245 15.14 -5.79 -25.85
N ASN A 246 16.02 -5.88 -26.85
CA ASN A 246 17.44 -6.06 -26.57
C ASN A 246 18.00 -4.88 -25.79
N ALA A 247 17.62 -3.65 -26.17
CA ALA A 247 18.03 -2.49 -25.40
C ALA A 247 17.48 -2.56 -23.99
N TYR A 248 16.25 -3.06 -23.84
CA TYR A 248 15.64 -3.18 -22.52
C TYR A 248 16.42 -4.15 -21.63
N LEU A 249 16.84 -5.28 -22.17
CA LEU A 249 17.45 -6.34 -21.40
C LEU A 249 18.96 -6.41 -21.50
N HIS A 250 19.59 -5.59 -22.35
CA HIS A 250 21.03 -5.65 -22.51
C HIS A 250 21.71 -5.45 -21.16
N ILE A 251 22.56 -6.40 -20.78
CA ILE A 251 23.14 -6.45 -19.45
C ILE A 251 24.47 -5.71 -19.45
N ASP A 252 24.57 -4.70 -18.60
CA ASP A 252 25.83 -4.01 -18.34
C ASP A 252 26.10 -4.07 -16.85
N PHE A 253 26.95 -5.02 -16.44
CA PHE A 253 27.25 -5.23 -15.04
C PHE A 253 28.10 -4.13 -14.44
N TYR A 254 28.73 -3.29 -15.27
CA TYR A 254 29.52 -2.18 -14.74
C TYR A 254 28.66 -1.05 -14.21
N ARG A 255 27.38 -1.01 -14.60
CA ARG A 255 26.47 0.00 -14.05
C ARG A 255 26.25 -0.21 -12.56
N LEU A 256 26.43 -1.45 -12.09
CA LEU A 256 26.22 -1.74 -10.68
C LEU A 256 27.27 -1.08 -9.80
N LYS A 257 28.36 -0.57 -10.38
CA LYS A 257 29.35 0.16 -9.60
C LYS A 257 28.84 1.55 -9.23
N GLU A 258 27.83 2.04 -9.94
CA GLU A 258 27.35 3.39 -9.72
C GLU A 258 26.31 3.41 -8.61
N ALA A 259 26.42 4.41 -7.72
CA ALA A 259 25.47 4.52 -6.62
C ALA A 259 24.08 4.89 -7.12
N THR A 260 24.01 5.58 -8.26
CA THR A 260 22.71 6.01 -8.77
C THR A 260 21.84 4.82 -9.17
N VAL A 261 22.45 3.76 -9.70
CA VAL A 261 21.70 2.57 -10.06
C VAL A 261 21.02 1.98 -8.83
N TRP A 262 21.77 1.85 -7.73
CA TRP A 262 21.22 1.28 -6.51
C TRP A 262 20.19 2.21 -5.88
N ILE A 263 20.42 3.52 -5.94
CA ILE A 263 19.44 4.48 -5.45
C ILE A 263 18.14 4.34 -6.23
N ASP A 264 18.24 4.23 -7.55
CA ASP A 264 17.05 4.09 -8.38
C ASP A 264 16.31 2.80 -8.07
N ALA A 265 17.05 1.70 -7.90
CA ALA A 265 16.41 0.43 -7.56
C ALA A 265 15.69 0.52 -6.21
N ALA A 266 16.34 1.11 -5.21
CA ALA A 266 15.72 1.24 -3.89
C ALA A 266 14.47 2.10 -3.94
N THR A 267 14.56 3.25 -4.60
CA THR A 267 13.41 4.14 -4.70
C THR A 267 12.26 3.47 -5.46
N GLN A 268 12.58 2.79 -6.55
CA GLN A 268 11.54 2.11 -7.33
C GLN A 268 10.87 1.04 -6.49
N ILE A 269 11.65 0.25 -5.76
CA ILE A 269 11.06 -0.80 -4.92
C ILE A 269 10.13 -0.17 -3.89
N PHE A 270 10.62 0.84 -3.17
CA PHE A 270 9.84 1.43 -2.10
C PHE A 270 8.54 2.02 -2.62
N PHE A 271 8.59 2.72 -3.75
CA PHE A 271 7.42 3.45 -4.22
C PHE A 271 6.49 2.56 -5.04
N SER A 272 7.00 1.47 -5.61
CA SER A 272 6.16 0.61 -6.41
C SER A 272 5.44 -0.41 -5.54
N LEU A 273 6.07 -0.85 -4.45
CA LEU A 273 5.38 -1.79 -3.57
C LEU A 273 4.35 -1.07 -2.70
N GLY A 274 4.64 0.17 -2.31
CA GLY A 274 3.70 0.93 -1.51
C GLY A 274 3.54 0.43 -0.09
N ALA A 275 4.53 -0.29 0.42
CA ALA A 275 4.49 -0.77 1.79
C ALA A 275 4.71 0.38 2.75
N GLY A 276 3.92 0.42 3.82
CA GLY A 276 4.01 1.46 4.81
C GLY A 276 3.28 2.74 4.47
N PHE A 277 2.51 2.75 3.38
CA PHE A 277 1.76 3.93 2.98
C PHE A 277 0.40 4.02 3.66
N GLY A 278 0.08 3.08 4.56
CA GLY A 278 -1.19 3.03 5.23
C GLY A 278 -2.26 2.29 4.49
N VAL A 279 -1.98 1.79 3.29
CA VAL A 279 -3.00 1.14 2.47
C VAL A 279 -3.04 -0.36 2.77
N LEU A 280 -1.87 -1.00 2.79
CA LEU A 280 -1.82 -2.43 3.05
C LEU A 280 -2.29 -2.76 4.46
N ILE A 281 -1.99 -1.89 5.43
CA ILE A 281 -2.49 -2.09 6.78
C ILE A 281 -4.01 -2.01 6.78
N ALA A 282 -4.59 -1.03 6.09
CA ALA A 282 -6.04 -0.90 6.04
C ALA A 282 -6.67 -2.12 5.37
N PHE A 283 -6.07 -2.61 4.28
CA PHE A 283 -6.60 -3.80 3.61
C PHE A 283 -6.54 -5.02 4.51
N ALA A 284 -5.40 -5.23 5.18
CA ALA A 284 -5.26 -6.39 6.05
C ALA A 284 -6.11 -6.28 7.30
N SER A 285 -6.51 -5.07 7.69
CA SER A 285 -7.38 -4.92 8.85
C SER A 285 -8.74 -5.55 8.63
N TYR A 286 -9.11 -5.84 7.38
CA TYR A 286 -10.35 -6.52 7.06
C TYR A 286 -10.16 -8.01 6.81
N ASN A 287 -8.97 -8.53 7.06
CA ASN A 287 -8.72 -9.96 6.91
C ASN A 287 -9.28 -10.73 8.09
N LYS A 288 -9.62 -11.99 7.84
CA LYS A 288 -9.87 -12.92 8.93
C LYS A 288 -8.55 -13.21 9.66
N PHE A 289 -8.65 -13.47 10.96
CA PHE A 289 -7.46 -13.49 11.80
C PHE A 289 -6.46 -14.53 11.31
N ASP A 290 -6.94 -15.67 10.82
CA ASP A 290 -6.07 -16.78 10.45
C ASP A 290 -5.56 -16.69 9.02
N ASN A 291 -5.89 -15.62 8.30
CA ASN A 291 -5.39 -15.48 6.94
C ASN A 291 -3.87 -15.52 6.92
N ASN A 292 -3.31 -16.23 5.95
CA ASN A 292 -1.86 -16.38 5.81
C ASN A 292 -1.32 -15.14 5.10
N CYS A 293 -1.01 -14.12 5.89
CA CYS A 293 -0.51 -12.86 5.34
C CYS A 293 0.94 -12.95 4.89
N TYR A 294 1.71 -13.92 5.38
CA TYR A 294 3.07 -14.11 4.90
C TYR A 294 3.09 -14.49 3.43
N ARG A 295 2.33 -15.54 3.09
CA ARG A 295 2.23 -15.97 1.71
C ARG A 295 1.60 -14.89 0.84
N ASP A 296 0.63 -14.16 1.39
CA ASP A 296 0.01 -13.06 0.66
C ASP A 296 1.03 -11.97 0.33
N ALA A 297 1.85 -11.60 1.31
CA ALA A 297 2.88 -10.59 1.06
C ALA A 297 3.84 -11.06 -0.01
N LEU A 298 4.34 -12.28 0.13
CA LEU A 298 5.27 -12.79 -0.88
C LEU A 298 4.63 -12.76 -2.27
N LEU A 299 3.42 -13.31 -2.39
CA LEU A 299 2.78 -13.42 -3.69
C LEU A 299 2.51 -12.05 -4.29
N THR A 300 2.00 -11.11 -3.50
CA THR A 300 1.60 -9.82 -4.05
C THR A 300 2.81 -8.98 -4.43
N SER A 301 3.85 -8.95 -3.59
CA SER A 301 5.05 -8.23 -3.96
C SER A 301 5.71 -8.84 -5.20
N SER A 302 5.75 -10.17 -5.27
CA SER A 302 6.28 -10.83 -6.46
C SER A 302 5.47 -10.46 -7.69
N ILE A 303 4.15 -10.41 -7.56
CA ILE A 303 3.29 -10.08 -8.68
C ILE A 303 3.57 -8.65 -9.14
N ASN A 304 3.73 -7.73 -8.20
CA ASN A 304 4.05 -6.35 -8.55
C ASN A 304 5.33 -6.29 -9.37
N CYS A 305 6.40 -6.91 -8.87
CA CYS A 305 7.69 -6.79 -9.53
C CYS A 305 7.69 -7.51 -10.88
N ILE A 306 7.07 -8.69 -10.95
CA ILE A 306 7.00 -9.42 -12.21
C ILE A 306 6.13 -8.68 -13.21
N THR A 307 5.08 -8.01 -12.75
CA THR A 307 4.28 -7.18 -13.66
C THR A 307 5.12 -6.07 -14.24
N SER A 308 5.93 -5.41 -13.40
CA SER A 308 6.83 -4.38 -13.91
C SER A 308 7.74 -4.95 -14.99
N PHE A 309 8.38 -6.09 -14.70
CA PHE A 309 9.31 -6.68 -15.64
C PHE A 309 8.62 -7.06 -16.96
N VAL A 310 7.42 -7.61 -16.87
CA VAL A 310 6.70 -8.05 -18.07
C VAL A 310 6.24 -6.84 -18.89
N SER A 311 5.71 -5.81 -18.22
CA SER A 311 5.26 -4.62 -18.91
C SER A 311 6.41 -3.92 -19.61
N GLY A 312 7.63 -4.05 -19.07
CA GLY A 312 8.79 -3.49 -19.75
C GLY A 312 8.97 -4.05 -21.14
N PHE A 313 8.65 -5.33 -21.34
CA PHE A 313 8.77 -5.92 -22.66
C PHE A 313 7.85 -5.25 -23.66
N ALA A 314 6.58 -5.03 -23.30
CA ALA A 314 5.67 -4.34 -24.21
C ALA A 314 6.13 -2.91 -24.46
N ILE A 315 6.53 -2.21 -23.39
CA ILE A 315 6.95 -0.83 -23.53
C ILE A 315 8.11 -0.73 -24.50
N PHE A 316 9.10 -1.62 -24.37
CA PHE A 316 10.29 -1.47 -25.21
C PHE A 316 10.12 -2.13 -26.56
N SER A 317 9.16 -3.04 -26.72
CA SER A 317 8.76 -3.43 -28.07
C SER A 317 8.20 -2.24 -28.83
N ILE A 318 7.33 -1.46 -28.19
CA ILE A 318 6.78 -0.28 -28.85
C ILE A 318 7.85 0.78 -29.05
N LEU A 319 8.76 0.92 -28.08
CA LEU A 319 9.84 1.91 -28.23
C LEU A 319 10.77 1.54 -29.38
N GLY A 320 11.13 0.25 -29.50
CA GLY A 320 11.95 -0.17 -30.62
C GLY A 320 11.23 0.00 -31.94
N TYR A 321 9.92 -0.26 -31.96
CA TYR A 321 9.14 -0.01 -33.17
C TYR A 321 9.19 1.46 -33.56
N MET A 322 9.02 2.36 -32.58
CA MET A 322 9.09 3.79 -32.88
C MET A 322 10.48 4.20 -33.34
N ALA A 323 11.52 3.69 -32.70
CA ALA A 323 12.88 4.00 -33.12
C ALA A 323 13.14 3.52 -34.55
N HIS A 324 12.64 2.34 -34.89
CA HIS A 324 12.77 1.85 -36.26
C HIS A 324 11.97 2.72 -37.23
N GLU A 325 10.78 3.18 -36.83
CA GLU A 325 9.98 4.02 -37.70
C GLU A 325 10.68 5.33 -38.02
N HIS A 326 11.29 5.95 -37.02
CA HIS A 326 11.94 7.24 -37.18
C HIS A 326 13.41 7.12 -37.56
N LYS A 327 13.89 5.90 -37.81
CA LYS A 327 15.28 5.69 -38.22
C LYS A 327 16.24 6.29 -37.19
N VAL A 328 15.89 6.16 -35.91
CA VAL A 328 16.71 6.66 -34.83
C VAL A 328 17.09 5.49 -33.92
N ASN A 329 17.87 5.77 -32.89
CA ASN A 329 18.24 4.76 -31.91
C ASN A 329 17.24 4.76 -30.77
N ILE A 330 17.37 3.75 -29.89
CA ILE A 330 16.43 3.61 -28.79
C ILE A 330 16.59 4.75 -27.80
N GLU A 331 17.82 5.22 -27.58
CA GLU A 331 18.02 6.30 -26.62
C GLU A 331 17.33 7.58 -27.05
N ASP A 332 17.13 7.76 -28.35
CA ASP A 332 16.43 8.95 -28.83
C ASP A 332 14.93 8.90 -28.59
N VAL A 333 14.37 7.72 -28.34
CA VAL A 333 12.94 7.57 -28.08
C VAL A 333 12.66 7.10 -26.66
N ALA A 334 13.63 6.52 -25.96
CA ALA A 334 13.40 6.01 -24.62
C ALA A 334 13.02 7.15 -23.69
N THR A 335 11.84 7.05 -23.08
CA THR A 335 11.32 8.08 -22.20
C THR A 335 10.57 7.41 -21.07
N GLU A 336 10.26 8.20 -20.04
CA GLU A 336 9.56 7.73 -18.86
C GLU A 336 8.48 8.72 -18.47
N GLY A 337 7.63 8.29 -17.53
CA GLY A 337 6.61 9.18 -17.00
C GLY A 337 5.52 9.48 -18.01
N ALA A 338 4.84 10.62 -17.79
CA ALA A 338 3.75 11.01 -18.66
C ALA A 338 4.19 11.09 -20.11
N GLY A 339 5.44 11.49 -20.35
CA GLY A 339 5.92 11.58 -21.71
C GLY A 339 5.72 10.29 -22.48
N LEU A 340 6.15 9.17 -21.91
CA LEU A 340 6.00 7.89 -22.59
C LEU A 340 4.55 7.63 -22.96
N VAL A 341 3.70 7.44 -21.96
CA VAL A 341 2.37 6.89 -22.20
C VAL A 341 1.45 7.90 -22.89
N PHE A 342 1.75 9.19 -22.80
CA PHE A 342 0.86 10.20 -23.35
C PHE A 342 1.41 10.90 -24.59
N ILE A 343 2.64 10.61 -25.02
CA ILE A 343 3.16 11.18 -26.25
C ILE A 343 3.69 10.05 -27.12
N LEU A 344 4.63 9.27 -26.60
CA LEU A 344 5.30 8.28 -27.44
C LEU A 344 4.33 7.16 -27.81
N TYR A 345 3.64 6.61 -26.82
CA TYR A 345 2.80 5.46 -27.08
C TYR A 345 1.63 5.81 -27.98
N PRO A 346 0.91 6.93 -27.75
CA PRO A 346 -0.18 7.30 -28.66
C PRO A 346 0.25 7.46 -30.11
N GLU A 347 1.43 8.03 -30.36
CA GLU A 347 1.89 8.17 -31.74
C GLU A 347 2.12 6.80 -32.36
N ALA A 348 2.77 5.90 -31.63
CA ALA A 348 2.94 4.54 -32.12
C ALA A 348 1.59 3.90 -32.44
N ILE A 349 0.61 4.07 -31.55
CA ILE A 349 -0.73 3.54 -31.81
C ILE A 349 -1.28 4.09 -33.11
N SER A 350 -1.17 5.41 -33.30
CA SER A 350 -1.67 6.03 -34.51
C SER A 350 -0.98 5.48 -35.75
N THR A 351 0.25 5.00 -35.60
CA THR A 351 0.92 4.34 -36.72
C THR A 351 0.42 2.93 -36.97
N LEU A 352 -0.08 2.25 -35.94
CA LEU A 352 -0.48 0.85 -36.09
C LEU A 352 -1.81 0.73 -36.84
N SER A 353 -2.00 -0.42 -37.47
CA SER A 353 -3.28 -0.76 -38.07
C SER A 353 -4.29 -1.06 -36.96
N GLY A 354 -5.52 -0.60 -37.13
CA GLY A 354 -6.48 -0.65 -36.06
C GLY A 354 -6.11 0.23 -34.89
N SER A 355 -5.63 1.45 -35.17
CA SER A 355 -5.12 2.31 -34.11
C SER A 355 -6.19 2.66 -33.08
N THR A 356 -7.45 2.69 -33.49
CA THR A 356 -8.52 3.03 -32.54
C THR A 356 -8.64 1.99 -31.45
N PHE A 357 -8.64 0.71 -31.82
CA PHE A 357 -8.73 -0.35 -30.83
C PHE A 357 -7.54 -0.31 -29.87
N TRP A 358 -6.34 -0.12 -30.42
CA TRP A 358 -5.14 -0.10 -29.58
C TRP A 358 -5.16 1.08 -28.63
N ALA A 359 -5.58 2.25 -29.10
CA ALA A 359 -5.68 3.41 -28.21
C ALA A 359 -6.71 3.16 -27.11
N VAL A 360 -7.87 2.61 -27.48
CA VAL A 360 -8.91 2.38 -26.49
C VAL A 360 -8.42 1.43 -25.42
N VAL A 361 -7.82 0.30 -25.83
CA VAL A 361 -7.38 -0.67 -24.84
C VAL A 361 -6.23 -0.13 -24.02
N PHE A 362 -5.30 0.62 -24.63
CA PHE A 362 -4.19 1.16 -23.87
C PHE A 362 -4.65 2.13 -22.79
N PHE A 363 -5.61 2.99 -23.12
CA PHE A 363 -6.05 3.96 -22.13
C PHE A 363 -7.03 3.37 -21.13
N VAL A 364 -7.77 2.32 -21.50
CA VAL A 364 -8.49 1.55 -20.51
C VAL A 364 -7.52 0.89 -19.55
N MET A 365 -6.39 0.39 -20.06
CA MET A 365 -5.35 -0.16 -19.20
C MET A 365 -4.79 0.89 -18.26
N LEU A 366 -4.53 2.09 -18.75
CA LEU A 366 -4.04 3.14 -17.87
C LEU A 366 -5.05 3.46 -16.78
N LEU A 367 -6.33 3.55 -17.15
CA LEU A 367 -7.37 3.81 -16.17
C LEU A 367 -7.44 2.71 -15.13
N ALA A 368 -7.35 1.46 -15.56
CA ALA A 368 -7.41 0.34 -14.62
C ALA A 368 -6.18 0.32 -13.71
N LEU A 369 -5.02 0.68 -14.25
CA LEU A 369 -3.82 0.77 -13.42
C LEU A 369 -3.95 1.84 -12.35
N GLY A 370 -4.54 2.98 -12.70
CA GLY A 370 -4.63 4.08 -11.77
C GLY A 370 -5.76 4.00 -10.77
N LEU A 371 -6.90 3.47 -11.20
CA LEU A 371 -8.12 3.55 -10.40
C LEU A 371 -7.99 2.78 -9.10
N ASP A 372 -7.43 1.57 -9.16
CA ASP A 372 -7.30 0.76 -7.95
C ASP A 372 -6.21 1.27 -7.01
N SER A 373 -5.15 1.88 -7.53
CA SER A 373 -4.19 2.54 -6.66
C SER A 373 -4.81 3.74 -5.96
N SER A 374 -5.62 4.51 -6.69
CA SER A 374 -6.34 5.60 -6.04
C SER A 374 -7.34 5.08 -5.02
N MET A 375 -8.01 3.97 -5.33
CA MET A 375 -8.88 3.31 -4.37
C MET A 375 -8.14 2.96 -3.10
N GLY A 376 -6.98 2.32 -3.24
CA GLY A 376 -6.21 1.96 -2.05
C GLY A 376 -5.77 3.17 -1.26
N GLY A 377 -5.28 4.19 -1.95
CA GLY A 377 -4.85 5.40 -1.27
C GLY A 377 -5.98 6.08 -0.52
N MET A 378 -7.17 6.09 -1.09
CA MET A 378 -8.31 6.73 -0.43
C MET A 378 -8.85 5.87 0.70
N GLU A 379 -8.81 4.54 0.52
CA GLU A 379 -9.21 3.64 1.60
C GLU A 379 -8.27 3.76 2.78
N ALA A 380 -6.99 4.02 2.52
CA ALA A 380 -6.08 4.29 3.64
C ALA A 380 -6.62 5.42 4.51
N VAL A 381 -6.96 6.56 3.88
CA VAL A 381 -7.49 7.69 4.63
C VAL A 381 -8.80 7.31 5.32
N ILE A 382 -9.71 6.68 4.58
CA ILE A 382 -11.04 6.41 5.11
C ILE A 382 -10.95 5.48 6.31
N THR A 383 -10.26 4.35 6.16
CA THR A 383 -10.12 3.41 7.26
C THR A 383 -9.36 4.03 8.42
N GLY A 384 -8.26 4.72 8.14
CA GLY A 384 -7.44 5.26 9.22
C GLY A 384 -8.19 6.29 10.06
N LEU A 385 -9.00 7.12 9.41
CA LEU A 385 -9.71 8.16 10.15
C LEU A 385 -11.01 7.63 10.75
N ALA A 386 -11.62 6.63 10.12
CA ALA A 386 -12.83 6.04 10.68
C ALA A 386 -12.51 5.22 11.93
N ASP A 387 -11.36 4.55 11.94
CA ASP A 387 -10.93 3.87 13.14
C ASP A 387 -10.62 4.86 14.25
N ASP A 388 -10.12 6.04 13.89
CA ASP A 388 -9.77 7.04 14.89
C ASP A 388 -11.01 7.71 15.48
N PHE A 389 -12.00 8.01 14.65
CA PHE A 389 -13.23 8.67 15.07
C PHE A 389 -14.41 7.77 14.75
N GLN A 390 -15.20 7.43 15.78
CA GLN A 390 -16.31 6.50 15.61
C GLN A 390 -17.44 7.11 14.80
N VAL A 391 -17.60 8.43 14.84
CA VAL A 391 -18.63 9.07 14.04
C VAL A 391 -18.40 8.81 12.57
N LEU A 392 -17.14 8.90 12.12
CA LEU A 392 -16.83 8.60 10.73
C LEU A 392 -17.09 7.15 10.39
N LYS A 393 -16.81 6.24 11.34
CA LYS A 393 -17.13 4.83 11.13
C LYS A 393 -18.62 4.63 10.93
N ARG A 394 -19.44 5.32 11.73
CA ARG A 394 -20.89 5.17 11.61
C ARG A 394 -21.39 5.69 10.26
N HIS A 395 -20.78 6.74 9.73
CA HIS A 395 -21.20 7.36 8.48
C HIS A 395 -20.12 7.13 7.43
N ARG A 396 -20.15 5.96 6.79
CA ARG A 396 -19.15 5.64 5.78
C ARG A 396 -19.41 6.39 4.48
N LYS A 397 -20.67 6.46 4.05
CA LYS A 397 -20.97 7.13 2.79
C LYS A 397 -20.67 8.62 2.88
N LEU A 398 -21.05 9.27 3.99
CA LEU A 398 -20.80 10.69 4.14
C LEU A 398 -19.31 10.99 4.23
N PHE A 399 -18.57 10.17 4.99
CA PHE A 399 -17.13 10.40 5.13
C PHE A 399 -16.41 10.14 3.81
N THR A 400 -16.84 9.11 3.08
CA THR A 400 -16.26 8.84 1.77
C THR A 400 -16.54 9.99 0.82
N PHE A 401 -17.76 10.55 0.86
CA PHE A 401 -18.05 11.72 0.04
C PHE A 401 -17.16 12.89 0.42
N GLY A 402 -16.97 13.11 1.73
CA GLY A 402 -16.09 14.18 2.15
C GLY A 402 -14.67 14.02 1.62
N VAL A 403 -14.12 12.81 1.75
CA VAL A 403 -12.76 12.56 1.27
C VAL A 403 -12.67 12.76 -0.23
N THR A 404 -13.58 12.17 -0.99
CA THR A 404 -13.50 12.26 -2.44
C THR A 404 -13.74 13.68 -2.93
N PHE A 405 -14.67 14.40 -2.31
CA PHE A 405 -14.95 15.77 -2.73
C PHE A 405 -13.81 16.70 -2.38
N SER A 406 -13.17 16.51 -1.22
CA SER A 406 -11.99 17.28 -0.90
C SER A 406 -10.87 17.00 -1.88
N THR A 407 -10.69 15.72 -2.24
CA THR A 407 -9.67 15.38 -3.23
C THR A 407 -9.97 16.04 -4.56
N PHE A 408 -11.24 16.05 -4.98
CA PHE A 408 -11.61 16.71 -6.22
C PHE A 408 -11.31 18.21 -6.17
N LEU A 409 -11.69 18.86 -5.07
CA LEU A 409 -11.48 20.30 -4.95
C LEU A 409 -10.00 20.65 -4.97
N LEU A 410 -9.18 19.90 -4.24
CA LEU A 410 -7.75 20.20 -4.20
C LEU A 410 -6.97 19.61 -5.35
N ALA A 411 -7.60 18.79 -6.20
CA ALA A 411 -7.03 18.42 -7.48
C ALA A 411 -7.45 19.38 -8.58
N LEU A 412 -8.43 20.24 -8.33
CA LEU A 412 -8.76 21.29 -9.30
C LEU A 412 -7.54 22.15 -9.62
N PHE A 413 -6.61 22.29 -8.67
CA PHE A 413 -5.38 23.03 -8.94
C PHE A 413 -4.55 22.36 -10.02
N CYS A 414 -4.54 21.03 -10.05
CA CYS A 414 -3.68 20.29 -10.96
C CYS A 414 -4.27 20.14 -12.35
N ILE A 415 -5.50 20.59 -12.57
CA ILE A 415 -6.11 20.58 -13.90
C ILE A 415 -6.24 22.00 -14.45
N THR A 416 -5.59 22.97 -13.80
CA THR A 416 -5.50 24.32 -14.34
C THR A 416 -4.59 24.31 -15.55
N LYS A 417 -4.46 25.48 -16.19
CA LYS A 417 -3.54 25.57 -17.33
C LYS A 417 -2.12 25.26 -16.91
N GLY A 418 -1.69 25.79 -15.77
CA GLY A 418 -0.39 25.47 -15.22
C GLY A 418 -0.49 24.36 -14.20
N GLY A 419 -1.57 23.58 -14.29
CA GLY A 419 -1.76 22.48 -13.36
C GLY A 419 -0.63 21.46 -13.42
N ILE A 420 0.10 21.41 -14.52
CA ILE A 420 1.24 20.50 -14.62
C ILE A 420 2.33 20.93 -13.64
N TYR A 421 2.50 22.23 -13.43
CA TYR A 421 3.50 22.70 -12.48
C TYR A 421 3.10 22.35 -11.05
N VAL A 422 1.82 22.54 -10.71
CA VAL A 422 1.34 22.15 -9.40
C VAL A 422 1.49 20.64 -9.21
N LEU A 423 1.19 19.86 -10.26
CA LEU A 423 1.32 18.42 -10.17
C LEU A 423 2.77 18.01 -10.00
N THR A 424 3.69 18.71 -10.67
CA THR A 424 5.11 18.42 -10.49
C THR A 424 5.54 18.70 -9.06
N LEU A 425 5.11 19.83 -8.52
CA LEU A 425 5.43 20.17 -7.13
C LEU A 425 4.89 19.11 -6.17
N LEU A 426 3.64 18.69 -6.37
CA LEU A 426 3.05 17.68 -5.50
C LEU A 426 3.74 16.34 -5.65
N ASP A 427 3.94 15.88 -6.88
CA ASP A 427 4.62 14.62 -7.10
C ASP A 427 6.00 14.62 -6.46
N THR A 428 6.65 15.78 -6.42
CA THR A 428 7.97 15.85 -5.78
C THR A 428 7.87 15.77 -4.27
N PHE A 429 6.94 16.52 -3.67
CA PHE A 429 7.03 16.77 -2.23
C PHE A 429 5.99 16.06 -1.37
N ALA A 430 4.84 15.68 -1.93
CA ALA A 430 3.78 15.08 -1.11
C ALA A 430 4.22 13.74 -0.53
N ALA A 431 4.84 12.89 -1.35
CA ALA A 431 5.17 11.54 -0.94
C ALA A 431 6.61 11.19 -1.35
N GLY A 432 7.54 12.07 -1.00
CA GLY A 432 8.94 11.77 -1.19
C GLY A 432 9.66 11.53 0.12
N THR A 433 10.43 12.53 0.55
CA THR A 433 11.09 12.44 1.85
C THR A 433 10.08 12.26 2.96
N SER A 434 8.90 12.87 2.83
CA SER A 434 7.90 12.76 3.88
C SER A 434 7.44 11.32 4.07
N ILE A 435 7.07 10.64 2.99
CA ILE A 435 6.62 9.26 3.12
C ILE A 435 7.78 8.36 3.52
N LEU A 436 8.97 8.63 3.02
CA LEU A 436 10.12 7.82 3.41
C LEU A 436 10.37 7.93 4.91
N PHE A 437 10.31 9.15 5.45
CA PHE A 437 10.49 9.35 6.88
C PHE A 437 9.38 8.70 7.68
N ALA A 438 8.14 8.82 7.22
CA ALA A 438 7.01 8.21 7.93
C ALA A 438 7.16 6.69 7.98
N VAL A 439 7.54 6.08 6.86
CA VAL A 439 7.69 4.64 6.83
C VAL A 439 8.88 4.21 7.67
N LEU A 440 9.97 4.99 7.67
CA LEU A 440 11.08 4.69 8.56
C LEU A 440 10.63 4.74 10.02
N MET A 441 9.85 5.76 10.37
CA MET A 441 9.41 5.90 11.76
C MET A 441 8.50 4.76 12.17
N GLU A 442 7.59 4.34 11.29
CA GLU A 442 6.69 3.24 11.67
C GLU A 442 7.43 1.91 11.73
N ALA A 443 8.38 1.68 10.82
CA ALA A 443 9.19 0.48 10.91
C ALA A 443 9.99 0.46 12.20
N ILE A 444 10.60 1.59 12.56
CA ILE A 444 11.32 1.69 13.82
C ILE A 444 10.38 1.42 14.99
N GLY A 445 9.23 2.07 15.01
CA GLY A 445 8.27 1.80 16.07
C GLY A 445 8.00 0.32 16.22
N VAL A 446 7.50 -0.30 15.15
CA VAL A 446 7.09 -1.70 15.22
C VAL A 446 8.24 -2.58 15.68
N SER A 447 9.41 -2.45 15.05
CA SER A 447 10.48 -3.43 15.24
C SER A 447 11.39 -3.12 16.41
N TRP A 448 11.31 -1.94 17.00
CA TRP A 448 12.18 -1.58 18.13
C TRP A 448 11.37 -1.26 19.38
N PHE A 449 10.40 -0.34 19.29
CA PHE A 449 9.73 0.11 20.50
C PHE A 449 8.66 -0.89 20.92
N TYR A 450 7.84 -1.33 19.97
CA TYR A 450 6.90 -2.39 20.25
C TYR A 450 7.62 -3.73 20.41
N GLY A 451 8.55 -4.02 19.50
CA GLY A 451 9.35 -5.22 19.61
C GLY A 451 9.16 -6.19 18.47
N VAL A 452 10.26 -6.55 17.81
CA VAL A 452 10.18 -7.55 16.75
C VAL A 452 9.77 -8.91 17.33
N ASP A 453 10.20 -9.20 18.56
CA ASP A 453 9.77 -10.42 19.23
C ASP A 453 8.27 -10.40 19.52
N ARG A 454 7.75 -9.26 19.96
CA ARG A 454 6.30 -9.12 20.16
C ARG A 454 5.56 -9.31 18.85
N PHE A 455 6.07 -8.70 17.77
CA PHE A 455 5.44 -8.86 16.46
C PHE A 455 5.46 -10.31 16.01
N SER A 456 6.55 -11.02 16.27
CA SER A 456 6.62 -12.44 15.95
C SER A 456 5.61 -13.24 16.77
N ASN A 457 5.43 -12.90 18.05
CA ASN A 457 4.41 -13.56 18.85
C ASN A 457 3.02 -13.31 18.29
N ASP A 458 2.76 -12.09 17.84
CA ASP A 458 1.49 -11.77 17.20
C ASP A 458 1.27 -12.62 15.95
N ILE A 459 2.29 -12.73 15.11
CA ILE A 459 2.16 -13.51 13.89
C ILE A 459 1.97 -14.99 14.22
N GLN A 460 2.62 -15.47 15.29
CA GLN A 460 2.40 -16.85 15.70
C GLN A 460 0.96 -17.07 16.14
N GLN A 461 0.40 -16.11 16.88
CA GLN A 461 -0.99 -16.22 17.29
C GLN A 461 -1.91 -16.26 16.09
N MET A 462 -1.61 -15.46 15.05
CA MET A 462 -2.48 -15.44 13.87
C MET A 462 -2.32 -16.68 13.02
N MET A 463 -1.09 -17.19 12.87
CA MET A 463 -0.76 -18.17 11.84
C MET A 463 -0.11 -19.43 12.38
N GLY A 464 0.18 -19.51 13.67
CA GLY A 464 0.67 -20.73 14.27
C GLY A 464 2.17 -20.92 14.20
N PHE A 465 2.88 -20.05 13.50
CA PHE A 465 4.34 -20.12 13.43
C PHE A 465 4.90 -18.72 13.61
N ARG A 466 6.07 -18.64 14.23
CA ARG A 466 6.75 -17.36 14.32
C ARG A 466 7.53 -17.08 13.05
N PRO A 467 7.58 -15.83 12.58
CA PRO A 467 8.41 -15.53 11.41
C PRO A 467 9.86 -15.88 11.68
N GLY A 468 10.55 -16.35 10.64
CA GLY A 468 11.91 -16.81 10.79
C GLY A 468 12.87 -15.71 11.15
N LEU A 469 14.10 -16.12 11.49
CA LEU A 469 15.12 -15.15 11.89
C LEU A 469 15.39 -14.15 10.78
N TYR A 470 15.29 -14.57 9.52
CA TYR A 470 15.55 -13.66 8.42
C TYR A 470 14.59 -12.49 8.42
N TRP A 471 13.29 -12.76 8.62
CA TRP A 471 12.31 -11.68 8.58
C TRP A 471 12.46 -10.75 9.78
N ARG A 472 12.77 -11.30 10.95
CA ARG A 472 12.99 -10.47 12.12
C ARG A 472 14.21 -9.58 11.93
N LEU A 473 15.31 -10.14 11.43
CA LEU A 473 16.49 -9.34 11.17
C LEU A 473 16.19 -8.25 10.14
N CYS A 474 15.46 -8.60 9.09
CA CYS A 474 15.07 -7.58 8.11
C CYS A 474 14.30 -6.46 8.80
N TRP A 475 13.25 -6.80 9.53
CA TRP A 475 12.39 -5.80 10.17
C TRP A 475 13.21 -4.90 11.08
N LYS A 476 14.16 -5.46 11.82
CA LYS A 476 14.81 -4.68 12.86
C LYS A 476 15.99 -3.87 12.31
N PHE A 477 16.72 -4.39 11.33
CA PHE A 477 17.93 -3.73 10.86
C PHE A 477 17.90 -3.37 9.39
N VAL A 478 17.44 -4.27 8.52
CA VAL A 478 17.66 -4.08 7.09
C VAL A 478 16.62 -3.14 6.51
N SER A 479 15.36 -3.36 6.84
CA SER A 479 14.30 -2.47 6.39
C SER A 479 14.50 -1.08 6.98
N PRO A 480 14.78 -0.95 8.28
CA PRO A 480 15.13 0.38 8.81
C PRO A 480 16.36 0.99 8.16
N ALA A 481 17.42 0.21 7.96
CA ALA A 481 18.62 0.74 7.32
C ALA A 481 18.34 1.13 5.87
N PHE A 482 17.58 0.30 5.15
CA PHE A 482 17.20 0.62 3.78
C PHE A 482 16.39 1.91 3.73
N LEU A 483 15.42 2.05 4.64
CA LEU A 483 14.58 3.24 4.67
C LEU A 483 15.40 4.49 5.00
N LEU A 484 16.33 4.37 5.95
CA LEU A 484 17.20 5.49 6.27
C LEU A 484 18.08 5.86 5.09
N PHE A 485 18.59 4.86 4.37
CA PHE A 485 19.41 5.13 3.19
C PHE A 485 18.60 5.89 2.13
N VAL A 486 17.36 5.44 1.89
CA VAL A 486 16.55 6.12 0.89
C VAL A 486 16.18 7.53 1.35
N VAL A 487 15.91 7.72 2.64
CA VAL A 487 15.65 9.07 3.16
C VAL A 487 16.86 9.96 2.95
N VAL A 488 18.04 9.45 3.28
CA VAL A 488 19.25 10.25 3.18
C VAL A 488 19.52 10.65 1.73
N VAL A 489 19.37 9.69 0.80
CA VAL A 489 19.62 10.04 -0.60
C VAL A 489 18.56 10.99 -1.12
N SER A 490 17.31 10.84 -0.69
CA SER A 490 16.27 11.75 -1.12
C SER A 490 16.56 13.17 -0.66
N ILE A 491 17.06 13.32 0.57
CA ILE A 491 17.48 14.65 1.03
C ILE A 491 18.71 15.13 0.25
N ILE A 492 19.68 14.26 0.03
CA ILE A 492 20.89 14.64 -0.71
C ILE A 492 20.54 14.96 -2.15
N ASN A 493 19.64 14.18 -2.75
CA ASN A 493 19.28 14.33 -4.15
C ASN A 493 18.16 15.32 -4.37
N PHE A 494 17.99 16.29 -3.48
CA PHE A 494 17.03 17.35 -3.70
C PHE A 494 17.53 18.30 -4.77
N LYS A 495 16.93 18.23 -5.95
CA LYS A 495 17.19 19.17 -7.02
C LYS A 495 16.08 20.21 -7.06
N PRO A 496 16.38 21.51 -7.01
CA PRO A 496 15.31 22.51 -7.07
C PRO A 496 14.24 22.16 -8.09
N LEU A 497 13.01 22.53 -7.76
CA LEU A 497 11.87 22.17 -8.58
C LEU A 497 12.01 22.73 -9.99
N THR A 498 11.80 21.88 -10.99
CA THR A 498 11.81 22.30 -12.39
C THR A 498 10.89 21.37 -13.17
N TYR A 499 10.39 21.87 -14.30
CA TYR A 499 9.61 21.08 -15.24
C TYR A 499 10.08 21.41 -16.64
N ASP A 500 10.59 20.41 -17.36
CA ASP A 500 11.14 20.60 -18.70
C ASP A 500 12.16 21.74 -18.59
N ASP A 501 12.06 22.79 -19.41
CA ASP A 501 12.97 23.92 -19.29
C ASP A 501 12.53 24.93 -18.25
N TYR A 502 11.34 24.79 -17.69
CA TYR A 502 10.86 25.73 -16.69
C TYR A 502 11.55 25.49 -15.36
N ILE A 503 11.95 26.57 -14.70
CA ILE A 503 12.57 26.52 -13.39
C ILE A 503 11.64 27.25 -12.43
N PHE A 504 11.18 26.54 -11.41
CA PHE A 504 10.20 27.09 -10.49
C PHE A 504 10.82 28.24 -9.69
N PRO A 505 10.00 29.19 -9.24
CA PRO A 505 10.51 30.25 -8.39
C PRO A 505 10.85 29.72 -7.01
N PRO A 506 11.66 30.46 -6.23
CA PRO A 506 11.99 29.97 -4.89
C PRO A 506 10.78 29.73 -4.01
N TRP A 507 9.74 30.57 -4.13
CA TRP A 507 8.56 30.40 -3.28
C TRP A 507 7.85 29.10 -3.58
N ALA A 508 7.90 28.62 -4.83
CA ALA A 508 7.34 27.31 -5.13
C ALA A 508 8.09 26.20 -4.40
N ASN A 509 9.42 26.30 -4.34
CA ASN A 509 10.20 25.33 -3.58
C ASN A 509 9.86 25.41 -2.09
N TRP A 510 9.66 26.63 -1.58
CA TRP A 510 9.25 26.76 -0.18
C TRP A 510 7.90 26.12 0.06
N VAL A 511 6.96 26.29 -0.87
CA VAL A 511 5.64 25.68 -0.72
C VAL A 511 5.75 24.16 -0.74
N GLY A 512 6.57 23.62 -1.64
CA GLY A 512 6.78 22.18 -1.65
C GLY A 512 7.41 21.67 -0.37
N TRP A 513 8.38 22.40 0.17
CA TRP A 513 9.00 22.02 1.43
C TRP A 513 7.99 22.08 2.57
N GLY A 514 7.13 23.09 2.58
CA GLY A 514 6.07 23.14 3.56
C GLY A 514 5.12 21.97 3.45
N ILE A 515 4.78 21.57 2.23
CA ILE A 515 3.92 20.41 2.04
C ILE A 515 4.59 19.15 2.58
N ALA A 516 5.88 18.98 2.30
CA ALA A 516 6.60 17.81 2.80
C ALA A 516 6.67 17.84 4.33
N LEU A 517 6.93 19.00 4.91
CA LEU A 517 7.10 19.10 6.36
C LEU A 517 5.77 19.02 7.09
N SER A 518 4.65 19.32 6.41
CA SER A 518 3.36 19.33 7.09
C SER A 518 3.03 17.98 7.69
N SER A 519 3.32 16.90 6.97
CA SER A 519 3.10 15.55 7.49
C SER A 519 4.25 15.08 8.37
N MET A 520 5.47 15.55 8.13
CA MET A 520 6.61 15.09 8.90
C MET A 520 6.60 15.64 10.32
N VAL A 521 6.14 16.89 10.50
CA VAL A 521 6.10 17.47 11.83
C VAL A 521 4.97 16.88 12.68
N LEU A 522 4.06 16.14 12.06
CA LEU A 522 2.99 15.51 12.82
C LEU A 522 3.54 14.49 13.81
N VAL A 523 4.68 13.88 13.49
CA VAL A 523 5.29 12.87 14.34
C VAL A 523 5.81 13.53 15.61
N PRO A 524 6.77 14.47 15.53
CA PRO A 524 7.19 15.16 16.76
C PRO A 524 6.07 15.91 17.44
N ILE A 525 5.15 16.49 16.67
CA ILE A 525 4.04 17.23 17.29
C ILE A 525 3.17 16.28 18.09
N TYR A 526 2.86 15.11 17.54
CA TYR A 526 2.04 14.16 18.28
C TYR A 526 2.79 13.62 19.49
N VAL A 527 4.10 13.40 19.37
CA VAL A 527 4.85 12.93 20.53
C VAL A 527 4.80 13.97 21.64
N ILE A 528 4.97 15.25 21.29
CA ILE A 528 4.91 16.32 22.29
C ILE A 528 3.53 16.38 22.92
N TYR A 529 2.48 16.30 22.09
CA TYR A 529 1.12 16.36 22.62
C TYR A 529 0.84 15.18 23.54
N LYS A 530 1.27 13.99 23.16
CA LYS A 530 1.06 12.81 23.98
C LYS A 530 1.80 12.94 25.30
N PHE A 531 3.03 13.44 25.27
CA PHE A 531 3.79 13.60 26.51
C PHE A 531 3.11 14.61 27.43
N LEU A 532 2.64 15.72 26.88
CA LEU A 532 2.06 16.78 27.72
C LEU A 532 0.69 16.37 28.23
N SER A 533 -0.08 15.63 27.44
CA SER A 533 -1.43 15.25 27.86
C SER A 533 -1.39 14.14 28.90
N THR A 534 -0.40 13.27 28.82
CA THR A 534 -0.27 12.19 29.79
C THR A 534 0.02 12.75 31.18
N GLN A 535 -0.46 12.04 32.20
CA GLN A 535 -0.31 12.45 33.59
C GLN A 535 0.72 11.57 34.29
N GLY A 536 1.54 12.19 35.11
CA GLY A 536 2.53 11.50 35.90
C GLY A 536 3.88 12.16 35.77
N SER A 537 4.91 11.45 36.20
CA SER A 537 6.27 11.95 36.10
C SER A 537 6.80 11.76 34.68
N LEU A 538 8.03 12.24 34.46
CA LEU A 538 8.65 12.09 33.14
C LEU A 538 8.71 10.63 32.72
N TRP A 539 9.18 9.77 33.63
CA TRP A 539 9.31 8.36 33.29
C TRP A 539 7.96 7.69 33.13
N GLU A 540 6.97 8.08 33.94
CA GLU A 540 5.62 7.56 33.76
C GLU A 540 5.05 7.97 32.41
N ARG A 541 5.25 9.22 32.02
CA ARG A 541 4.76 9.69 30.72
C ARG A 541 5.43 8.93 29.59
N LEU A 542 6.75 8.73 29.69
CA LEU A 542 7.46 7.98 28.66
C LEU A 542 6.95 6.54 28.59
N ALA A 543 6.77 5.90 29.74
CA ALA A 543 6.29 4.52 29.76
C ALA A 543 4.91 4.39 29.14
N TYR A 544 4.01 5.32 29.47
CA TYR A 544 2.68 5.30 28.87
C TYR A 544 2.78 5.54 27.36
N GLY A 545 3.68 6.42 26.94
CA GLY A 545 3.83 6.69 25.52
C GLY A 545 4.36 5.54 24.71
N ILE A 546 5.23 4.71 25.30
CA ILE A 546 5.85 3.60 24.59
C ILE A 546 5.21 2.26 24.94
N THR A 547 4.21 2.24 25.81
CA THR A 547 3.56 1.00 26.21
C THR A 547 2.27 0.80 25.43
N PRO A 548 1.95 -0.42 25.04
CA PRO A 548 0.65 -0.65 24.38
C PRO A 548 -0.50 -0.19 25.27
N GLU A 549 -1.51 0.41 24.65
CA GLU A 549 -2.60 1.00 25.41
C GLU A 549 -3.34 -0.02 26.27
N ASN A 550 -3.31 -1.30 25.88
CA ASN A 550 -3.95 -2.33 26.68
C ASN A 550 -3.05 -2.88 27.78
N GLU A 551 -1.82 -2.38 27.89
CA GLU A 551 -0.91 -2.76 28.97
C GLU A 551 -0.60 -1.60 29.91
N HIS A 552 -1.38 -0.52 29.84
CA HIS A 552 -1.07 0.67 30.63
C HIS A 552 -1.29 0.46 32.11
N HIS A 553 -2.04 -0.56 32.51
CA HIS A 553 -2.17 -0.87 33.93
C HIS A 553 -0.86 -1.42 34.49
N LEU A 554 -0.03 -1.99 33.62
CA LEU A 554 1.27 -2.50 34.07
C LEU A 554 2.22 -1.37 34.45
N VAL A 555 2.08 -0.21 33.83
CA VAL A 555 3.00 0.89 34.10
C VAL A 555 2.97 1.26 35.58
N ALA A 556 1.76 1.34 36.16
CA ALA A 556 1.65 1.65 37.59
C ALA A 556 2.40 0.62 38.42
N GLN A 557 2.54 -0.59 37.92
CA GLN A 557 3.33 -1.64 38.58
C GLN A 557 4.80 -1.57 38.21
N ARG A 558 5.22 -0.53 37.49
CA ARG A 558 6.62 -0.35 37.09
C ARG A 558 7.14 -1.59 36.36
N ASP A 559 6.32 -2.11 35.47
CA ASP A 559 6.66 -3.28 34.65
C ASP A 559 6.65 -2.87 33.18
N ILE A 560 7.77 -2.31 32.72
CA ILE A 560 7.91 -1.83 31.35
C ILE A 560 9.09 -2.56 30.73
N ARG A 561 8.84 -3.24 29.61
CA ARG A 561 9.90 -3.98 28.94
C ARG A 561 10.85 -3.05 28.20
N GLN A 562 10.35 -1.92 27.70
CA GLN A 562 11.19 -0.99 26.97
C GLN A 562 12.24 -0.34 27.84
N PHE A 563 12.07 -0.37 29.16
CA PHE A 563 13.07 0.15 30.09
C PHE A 563 14.09 -0.90 30.48
N GLN A 564 14.13 -2.03 29.79
CA GLN A 564 15.09 -3.09 30.03
C GLN A 564 15.89 -3.35 28.76
N LEU A 565 17.17 -3.69 28.94
CA LEU A 565 18.05 -3.89 27.80
C LEU A 565 17.64 -5.12 26.98
N GLN A 566 16.98 -6.09 27.60
CA GLN A 566 16.61 -7.31 26.89
C GLN A 566 15.64 -6.99 25.76
N HIS A 567 14.71 -6.07 25.97
CA HIS A 567 13.77 -5.72 24.92
C HIS A 567 14.49 -5.15 23.71
N TRP A 568 15.50 -4.32 23.94
CA TRP A 568 16.19 -3.66 22.83
C TRP A 568 17.19 -4.58 22.17
N LEU A 569 17.69 -5.59 22.89
CA LEU A 569 18.60 -6.57 22.29
C LEU A 569 17.87 -7.70 21.59
N ALA A 570 16.54 -7.74 21.64
CA ALA A 570 15.80 -8.76 20.92
C ALA A 570 16.10 -8.66 19.43
N ILE A 571 16.40 -9.80 18.82
CA ILE A 571 16.81 -9.84 17.42
C ILE A 571 15.91 -10.76 16.63
N GLU B 1 -27.73 -12.85 19.29
CA GLU B 1 -26.54 -12.25 19.94
C GLU B 1 -25.42 -13.28 20.05
N VAL B 2 -24.19 -12.86 19.73
CA VAL B 2 -23.04 -13.74 19.87
C VAL B 2 -22.72 -13.89 21.35
N GLN B 3 -22.69 -15.13 21.82
CA GLN B 3 -22.37 -15.43 23.21
C GLN B 3 -21.42 -16.61 23.26
N LEU B 4 -20.37 -16.50 24.07
CA LEU B 4 -19.44 -17.59 24.33
C LEU B 4 -19.57 -17.96 25.80
N VAL B 5 -20.08 -19.15 26.09
CA VAL B 5 -20.30 -19.60 27.46
C VAL B 5 -19.19 -20.59 27.81
N GLU B 6 -18.23 -20.13 28.61
CA GLU B 6 -17.18 -21.00 29.09
C GLU B 6 -17.70 -21.92 30.19
N SER B 7 -17.17 -23.13 30.24
CA SER B 7 -17.57 -24.09 31.25
C SER B 7 -16.49 -25.16 31.36
N GLY B 8 -16.55 -25.91 32.47
CA GLY B 8 -15.63 -27.00 32.71
C GLY B 8 -14.47 -26.67 33.62
N GLY B 9 -14.28 -25.39 33.96
CA GLY B 9 -13.18 -25.02 34.83
C GLY B 9 -13.42 -25.45 36.27
N GLY B 10 -12.34 -25.47 37.03
CA GLY B 10 -12.41 -25.88 38.42
C GLY B 10 -11.01 -26.15 38.96
N LEU B 11 -11.00 -26.82 40.11
CA LEU B 11 -9.76 -27.15 40.79
C LEU B 11 -9.23 -28.49 40.28
N VAL B 12 -7.94 -28.51 39.95
CA VAL B 12 -7.27 -29.71 39.46
C VAL B 12 -6.00 -29.92 40.26
N GLN B 13 -5.55 -31.17 40.32
CA GLN B 13 -4.28 -31.50 40.94
C GLN B 13 -3.19 -31.50 39.89
N ALA B 14 -2.04 -30.90 40.23
CA ALA B 14 -0.93 -30.80 39.30
C ALA B 14 -0.70 -32.13 38.59
N GLY B 15 -0.70 -32.09 37.26
CA GLY B 15 -0.64 -33.28 36.45
C GLY B 15 -1.98 -33.81 36.02
N GLY B 16 -3.08 -33.25 36.54
CA GLY B 16 -4.40 -33.68 36.15
C GLY B 16 -4.85 -33.07 34.83
N SER B 17 -6.05 -33.44 34.42
CA SER B 17 -6.62 -33.01 33.15
C SER B 17 -7.94 -32.30 33.36
N LEU B 18 -8.29 -31.47 32.39
CA LEU B 18 -9.54 -30.71 32.44
C LEU B 18 -9.98 -30.39 31.01
N ARG B 19 -11.28 -30.50 30.76
CA ARG B 19 -11.86 -30.18 29.46
C ARG B 19 -12.70 -28.93 29.59
N LEU B 20 -12.20 -27.82 29.08
CA LEU B 20 -12.98 -26.59 29.04
C LEU B 20 -13.84 -26.57 27.80
N SER B 21 -15.11 -26.22 27.99
CA SER B 21 -16.06 -26.10 26.89
C SER B 21 -16.37 -24.64 26.65
N CYS B 22 -16.81 -24.35 25.42
CA CYS B 22 -17.22 -22.99 25.03
C CYS B 22 -18.43 -23.13 24.12
N ALA B 23 -19.61 -23.06 24.71
CA ALA B 23 -20.84 -23.11 23.92
C ALA B 23 -21.05 -21.78 23.22
N ALA B 24 -21.03 -21.81 21.90
CA ALA B 24 -21.14 -20.60 21.09
C ALA B 24 -22.50 -20.53 20.43
N SER B 25 -23.06 -19.32 20.41
CA SER B 25 -24.34 -19.06 19.77
C SER B 25 -24.21 -17.81 18.93
N GLY B 26 -25.01 -17.73 17.87
CA GLY B 26 -25.02 -16.58 16.97
C GLY B 26 -24.13 -16.73 15.76
N PHE B 27 -23.28 -17.75 15.70
CA PHE B 27 -22.41 -17.96 14.57
C PHE B 27 -22.04 -19.44 14.50
N PRO B 28 -21.63 -19.94 13.34
CA PRO B 28 -21.15 -21.33 13.27
C PRO B 28 -19.67 -21.45 13.63
N VAL B 29 -19.36 -22.23 14.66
CA VAL B 29 -17.97 -22.37 15.07
C VAL B 29 -17.15 -23.13 14.05
N TYR B 30 -17.77 -23.91 13.16
CA TYR B 30 -17.04 -24.73 12.21
C TYR B 30 -16.40 -23.92 11.10
N GLN B 31 -16.71 -22.62 10.99
CA GLN B 31 -16.05 -21.74 10.04
C GLN B 31 -15.42 -20.53 10.73
N ALA B 32 -15.35 -20.53 12.06
CA ALA B 32 -14.92 -19.38 12.83
C ALA B 32 -13.52 -19.57 13.38
N ASN B 33 -12.87 -18.45 13.67
CA ASN B 33 -11.56 -18.43 14.31
C ASN B 33 -11.78 -18.37 15.82
N MET B 34 -11.70 -19.52 16.47
CA MET B 34 -11.97 -19.65 17.89
C MET B 34 -10.66 -19.72 18.65
N TYR B 35 -10.44 -18.76 19.53
CA TYR B 35 -9.19 -18.62 20.25
C TYR B 35 -9.42 -18.76 21.75
N TRP B 36 -8.51 -19.46 22.42
CA TRP B 36 -8.52 -19.57 23.88
C TRP B 36 -7.38 -18.73 24.43
N TYR B 37 -7.71 -17.91 25.43
CA TYR B 37 -6.73 -17.09 26.13
C TYR B 37 -6.80 -17.42 27.61
N ARG B 38 -5.81 -16.92 28.36
CA ARG B 38 -5.81 -17.09 29.80
C ARG B 38 -5.12 -15.88 30.42
N GLN B 39 -5.60 -15.49 31.60
CA GLN B 39 -5.09 -14.32 32.31
C GLN B 39 -4.88 -14.72 33.77
N ALA B 40 -3.66 -15.13 34.10
CA ALA B 40 -3.33 -15.53 35.47
C ALA B 40 -3.29 -14.33 36.40
N GLY B 42 -2.09 -11.34 37.99
CA GLY B 42 -1.26 -10.18 37.76
C GLY B 42 -0.43 -10.28 36.49
N LYS B 43 -1.00 -10.89 35.46
CA LYS B 43 -0.35 -11.06 34.17
C LYS B 43 -1.31 -10.67 33.06
N GLU B 44 -0.74 -10.37 31.89
CA GLU B 44 -1.54 -10.02 30.73
C GLU B 44 -2.22 -11.26 30.15
N ARG B 45 -3.33 -11.03 29.46
CA ARG B 45 -4.00 -12.11 28.76
C ARG B 45 -3.10 -12.69 27.69
N GLU B 46 -2.86 -13.99 27.77
CA GLU B 46 -1.93 -14.68 26.87
C GLU B 46 -2.70 -15.71 26.06
N TRP B 47 -2.47 -15.72 24.75
CA TRP B 47 -3.08 -16.69 23.88
C TRP B 47 -2.66 -18.10 24.26
N VAL B 48 -3.61 -19.03 24.26
CA VAL B 48 -3.36 -20.42 24.64
C VAL B 48 -3.43 -21.34 23.42
N ALA B 49 -4.57 -21.41 22.76
CA ALA B 49 -4.75 -22.28 21.60
C ALA B 49 -5.82 -21.69 20.71
N ALA B 50 -5.85 -22.16 19.47
CA ALA B 50 -6.85 -21.70 18.51
C ALA B 50 -7.20 -22.83 17.55
N ILE B 51 -8.49 -22.97 17.26
CA ILE B 51 -8.96 -23.78 16.14
C ILE B 51 -9.54 -22.80 15.12
N GLN B 52 -9.00 -22.83 13.91
CA GLN B 52 -9.22 -21.76 12.95
C GLN B 52 -10.27 -22.15 11.92
N SER B 53 -10.68 -21.16 11.12
CA SER B 53 -11.83 -21.28 10.24
C SER B 53 -11.72 -22.49 9.32
N GLU B 54 -10.51 -22.84 8.91
CA GLU B 54 -10.28 -23.99 8.06
C GLU B 54 -10.06 -25.27 8.85
N GLY B 55 -10.14 -25.21 10.18
CA GLY B 55 -9.95 -26.37 11.02
C GLY B 55 -8.55 -26.54 11.57
N ARG B 56 -7.61 -25.67 11.20
CA ARG B 56 -6.25 -25.79 11.69
C ARG B 56 -6.19 -25.44 13.17
N THR B 57 -5.53 -26.28 13.94
CA THR B 57 -5.36 -26.08 15.38
C THR B 57 -3.93 -25.63 15.65
N ILE B 58 -3.79 -24.49 16.30
CA ILE B 58 -2.48 -23.96 16.68
C ILE B 58 -2.49 -23.71 18.18
N TYR B 59 -1.30 -23.76 18.77
CA TYR B 59 -1.15 -23.68 20.22
C TYR B 59 -0.01 -22.76 20.57
N ALA B 60 -0.09 -22.17 21.76
CA ALA B 60 1.01 -21.42 22.32
C ALA B 60 2.11 -22.39 22.77
N ASP B 61 3.34 -21.87 22.82
CA ASP B 61 4.48 -22.73 23.13
C ASP B 61 4.35 -23.36 24.51
N SER B 62 3.85 -22.58 25.49
CA SER B 62 3.79 -23.07 26.86
C SER B 62 2.86 -24.27 26.97
N VAL B 63 1.82 -24.34 26.13
CA VAL B 63 0.80 -25.37 26.23
C VAL B 63 0.90 -26.40 25.12
N LYS B 64 1.76 -26.19 24.12
CA LYS B 64 1.84 -27.09 22.99
C LYS B 64 2.26 -28.48 23.45
N GLY B 65 1.57 -29.49 22.95
CA GLY B 65 1.81 -30.87 23.34
C GLY B 65 1.02 -31.34 24.53
N ARG B 66 0.47 -30.42 25.32
CA ARG B 66 -0.37 -30.74 26.46
C ARG B 66 -1.84 -30.46 26.20
N PHE B 67 -2.15 -29.28 25.68
CA PHE B 67 -3.53 -28.88 25.43
C PHE B 67 -3.94 -29.33 24.03
N THR B 68 -5.24 -29.59 23.88
CA THR B 68 -5.81 -29.97 22.59
C THR B 68 -7.10 -29.20 22.39
N ILE B 69 -7.16 -28.41 21.34
CA ILE B 69 -8.36 -27.64 21.00
C ILE B 69 -9.14 -28.40 19.95
N SER B 70 -10.43 -28.58 20.20
CA SER B 70 -11.34 -29.24 19.28
C SER B 70 -12.66 -28.49 19.29
N ARG B 71 -13.49 -28.77 18.29
CA ARG B 71 -14.82 -28.19 18.23
C ARG B 71 -15.79 -29.22 17.71
N ASP B 72 -17.02 -29.17 18.21
CA ASP B 72 -18.10 -30.03 17.79
C ASP B 72 -19.08 -29.21 16.98
N ASN B 73 -19.15 -29.47 15.67
CA ASN B 73 -19.99 -28.67 14.80
C ASN B 73 -21.46 -28.81 15.18
N SER B 74 -21.90 -30.02 15.51
CA SER B 74 -23.30 -30.22 15.87
C SER B 74 -23.68 -29.44 17.13
N LYS B 75 -22.81 -29.47 18.14
CA LYS B 75 -23.09 -28.76 19.40
C LYS B 75 -22.68 -27.30 19.34
N ASN B 76 -21.97 -26.86 18.30
CA ASN B 76 -21.48 -25.49 18.20
C ASN B 76 -20.65 -25.13 19.43
N THR B 77 -19.82 -26.08 19.84
CA THR B 77 -19.02 -25.97 21.05
C THR B 77 -17.55 -26.19 20.71
N VAL B 78 -16.67 -25.40 21.32
CA VAL B 78 -15.23 -25.55 21.21
C VAL B 78 -14.71 -26.11 22.52
N TYR B 79 -13.86 -27.12 22.44
CA TYR B 79 -13.30 -27.78 23.61
C TYR B 79 -11.81 -27.55 23.69
N LEU B 80 -11.33 -27.16 24.87
CA LEU B 80 -9.91 -27.10 25.17
C LEU B 80 -9.60 -28.20 26.16
N GLN B 81 -9.07 -29.31 25.68
CA GLN B 81 -8.74 -30.45 26.52
C GLN B 81 -7.32 -30.23 27.04
N MET B 82 -7.21 -29.97 28.34
CA MET B 82 -5.95 -29.63 28.99
C MET B 82 -5.49 -30.82 29.81
N ASN B 83 -4.30 -31.35 29.47
CA ASN B 83 -3.68 -32.44 30.19
C ASN B 83 -2.36 -31.98 30.80
N SER B 84 -1.85 -32.79 31.73
CA SER B 84 -0.57 -32.52 32.38
C SER B 84 -0.53 -31.09 32.91
N LEU B 85 -1.58 -30.72 33.63
CA LEU B 85 -1.71 -29.34 34.10
C LEU B 85 -0.65 -29.04 35.15
N LYS B 86 -0.12 -27.82 35.07
CA LYS B 86 0.91 -27.33 35.97
C LYS B 86 0.35 -26.21 36.84
N PRO B 87 0.95 -25.95 38.00
CA PRO B 87 0.54 -24.78 38.78
C PRO B 87 0.66 -23.48 38.02
N GLU B 88 1.41 -23.45 36.93
CA GLU B 88 1.52 -22.27 36.08
C GLU B 88 0.36 -22.13 35.11
N ASP B 89 -0.50 -23.14 35.02
CA ASP B 89 -1.70 -23.07 34.20
C ASP B 89 -2.88 -22.42 34.92
N THR B 90 -2.73 -22.13 36.21
CA THR B 90 -3.81 -21.51 36.96
C THR B 90 -4.11 -20.11 36.41
N ALA B 91 -5.33 -19.92 35.94
CA ALA B 91 -5.75 -18.65 35.37
C ALA B 91 -7.22 -18.66 35.02
N VAL B 92 -7.74 -17.54 34.53
CA VAL B 92 -9.08 -17.46 33.97
C VAL B 92 -8.96 -17.65 32.47
N TYR B 93 -9.51 -18.74 31.96
CA TYR B 93 -9.40 -19.09 30.55
C TYR B 93 -10.58 -18.51 29.79
N TYR B 94 -10.29 -17.72 28.77
CA TYR B 94 -11.29 -17.02 27.99
C TYR B 94 -11.38 -17.63 26.59
N CYS B 95 -12.59 -18.04 26.21
CA CYS B 95 -12.84 -18.47 24.85
C CYS B 95 -13.25 -17.25 24.03
N ASN B 96 -12.58 -17.07 22.89
CA ASN B 96 -12.74 -15.88 22.08
C ASN B 96 -12.99 -16.28 20.63
N VAL B 97 -13.90 -15.57 19.98
CA VAL B 97 -14.12 -15.72 18.55
C VAL B 97 -13.57 -14.47 17.88
N LYS B 98 -12.62 -14.66 16.96
CA LYS B 98 -12.03 -13.51 16.28
C LYS B 98 -12.90 -13.06 15.12
N ASP B 99 -13.49 -14.00 14.40
CA ASP B 99 -14.36 -13.75 13.26
C ASP B 99 -14.89 -15.10 12.81
N ALA B 100 -15.86 -15.07 11.91
CA ALA B 100 -16.46 -16.29 11.36
C ALA B 100 -15.94 -16.56 9.95
N GLY B 101 -14.67 -16.21 9.70
CA GLY B 101 -14.07 -16.45 8.41
C GLY B 101 -14.31 -15.31 7.44
N TRP B 102 -14.25 -15.65 6.15
CA TRP B 102 -14.52 -14.68 5.11
C TRP B 102 -16.02 -14.36 5.03
N ALA B 103 -16.33 -13.19 4.48
CA ALA B 103 -17.71 -12.75 4.32
C ALA B 103 -18.44 -12.76 5.66
N SER B 104 -17.74 -12.33 6.70
CA SER B 104 -18.28 -12.33 8.05
C SER B 104 -17.87 -11.02 8.73
N TYR B 105 -18.07 -10.97 10.03
CA TYR B 105 -17.72 -9.80 10.84
C TYR B 105 -16.67 -10.20 11.87
N GLN B 106 -15.83 -9.24 12.23
CA GLN B 106 -14.78 -9.46 13.22
C GLN B 106 -15.36 -9.19 14.61
N TYR B 107 -16.28 -10.06 15.04
CA TYR B 107 -16.78 -10.00 16.39
C TYR B 107 -15.67 -10.52 17.29
N ASP B 108 -14.83 -9.62 17.80
CA ASP B 108 -13.80 -10.00 18.74
C ASP B 108 -14.44 -10.19 20.12
N TYR B 109 -15.36 -11.14 20.17
CA TYR B 109 -16.19 -11.37 21.35
C TYR B 109 -15.51 -12.34 22.28
N TRP B 110 -15.59 -12.03 23.58
CA TRP B 110 -14.97 -12.83 24.62
C TRP B 110 -16.05 -13.35 25.57
N GLY B 111 -15.91 -14.59 26.00
CA GLY B 111 -16.71 -15.11 27.07
C GLY B 111 -16.28 -14.52 28.39
N GLN B 112 -17.12 -14.73 29.41
CA GLN B 112 -16.82 -14.24 30.74
C GLN B 112 -15.61 -14.94 31.35
N GLY B 113 -15.20 -16.07 30.80
CA GLY B 113 -14.04 -16.78 31.28
C GLY B 113 -14.41 -17.79 32.35
N THR B 114 -13.58 -18.83 32.47
CA THR B 114 -13.75 -19.85 33.49
C THR B 114 -12.44 -19.99 34.24
N GLN B 115 -12.51 -19.94 35.56
CA GLN B 115 -11.31 -20.02 36.38
C GLN B 115 -10.83 -21.46 36.46
N VAL B 116 -9.53 -21.65 36.21
CA VAL B 116 -8.88 -22.95 36.39
C VAL B 116 -7.82 -22.78 37.47
N THR B 117 -7.89 -23.63 38.50
CA THR B 117 -6.94 -23.60 39.60
C THR B 117 -6.24 -24.95 39.68
N VAL B 118 -4.92 -24.93 39.57
CA VAL B 118 -4.09 -26.12 39.69
C VAL B 118 -3.33 -26.03 41.00
N SER B 119 -3.56 -27.00 41.88
CA SER B 119 -2.94 -27.04 43.20
C SER B 119 -1.78 -28.02 43.17
N SER B 120 -0.59 -27.55 43.57
CA SER B 120 0.59 -28.40 43.59
C SER B 120 0.38 -29.60 44.50
#